data_4Z4C
#
_entry.id   4Z4C
#
_cell.length_a   55.692
_cell.length_b   116.561
_cell.length_c   69.606
_cell.angle_alpha   90.00
_cell.angle_beta   92.43
_cell.angle_gamma   90.00
#
_symmetry.space_group_name_H-M   'P 1 21 1'
#
loop_
_entity.id
_entity.type
_entity.pdbx_description
1 polymer 'Protein argonaute-2'
2 polymer "RNA (5'-R(P*UP*UP*CP*AP*CP*AP*UP*UP*GP*CP*CP*CP*AP*AP*GP*UP*CP*UP*U)-3')"
3 polymer "RNA (5'-R(*CP*AP*AP*UP*GP*UP*GP*AP*C)-3')"
4 non-polymer 'MAGNESIUM ION'
5 non-polymer 'ISOPROPYL ALCOHOL'
6 non-polymer PHENOL
7 non-polymer 'PHOSPHATE ION'
8 water water
#
loop_
_entity_poly.entity_id
_entity_poly.type
_entity_poly.pdbx_seq_one_letter_code
_entity_poly.pdbx_strand_id
1 'polypeptide(L)'
;MYSGAGPALAPPAPPPPIQGYAFKPPPRPDFGTSGRTIKLQANFFEMDIPKIDIYHYELDIKPEKCPRRVNREIVEHMVQ
HFKTQIFGDRKPVFDGRKNLYTAMPLPIGRDKVELEVTLPGEGKDRIFKVSIKWVSCVSLQALHDALSGRLPSVPFETIQ
ALDVVMRHLPSMRYTPVGRSFFTASEGCSNPLGGGREVWFGFHQSVRPSLWKMMLNIDVSATAFYKAQPVIEFVCEVLDF
KSIEEQQKPLTDSQRVKFTKEIKGLKVEITHCGQMKRKYRVCNVTRRPASHQTFPLQQESGQTVECTVAQYFKDRHKLVL
RYPHLPCLQVGQEQKHTYLPLEVCNIVAGQRCIKKLTDNQTSTMIRATARSAPDRQEEISKLMRSADFNTDPYVREFGIM
VKDEMTDVTGRVLQPPSILYGGRNKAIATPVQGVWDMRNKQFHTGIEIKVWAIACFAPQRQCTEVHLKSFTEQLRKISRD
AGMPIQGQPCFCKYAQGADSVEPMFRHLKNTYAGLQLVVVILPGKTPVYAEVKRVGDTVLGMATQCVQMKNVQRTTPQTL
SNLCLKINVKLGGVNNILLPQGRPPVFQQPVIFLGADVTHPPAGDGKKPSIAAVVGSMDAHPNRYCATVRVQQHRQEIIQ
DLAAMVRELLIQFYKSTRFKPTRIIFYRDGVSEGQFQQVLHHELLAIREACIKLEKDYQPGITFIVVQKRHHTRLFCTDK
NERVGKSGNIPAGTTVDTKITHPTEFDFYLCSHAGIQGTSRPSHYHVLWDDNRFSSDELQILTYQLCHTYVRCTRSVSIP
APAYYAHLVAFRARYHLVDKEHDSAEGSHTSGQSNGRDHQALAKAVQVHQDTLRTMYFA
;
A
2 'polyribonucleotide' UUCACAUUGCCCAAGUCUCUU B
3 'polyribonucleotide' CAAUGUGACAA D
#
loop_
_chem_comp.id
_chem_comp.type
_chem_comp.name
_chem_comp.formula
A RNA linking ADENOSINE-5'-MONOPHOSPHATE 'C10 H14 N5 O7 P'
C RNA linking CYTIDINE-5'-MONOPHOSPHATE 'C9 H14 N3 O8 P'
G RNA linking GUANOSINE-5'-MONOPHOSPHATE 'C10 H14 N5 O8 P'
IPA non-polymer 'ISOPROPYL ALCOHOL' 'C3 H8 O'
IPH non-polymer PHENOL 'C6 H6 O'
MG non-polymer 'MAGNESIUM ION' 'Mg 2'
PO4 non-polymer 'PHOSPHATE ION' 'O4 P -3'
U RNA linking URIDINE-5'-MONOPHOSPHATE 'C9 H13 N2 O9 P'
#
# COMPACT_ATOMS: atom_id res chain seq x y z
N ALA A 22 -1.49 28.61 2.01
CA ALA A 22 -1.16 27.20 2.15
C ALA A 22 -2.38 26.26 2.23
N PHE A 23 -3.44 26.47 1.42
CA PHE A 23 -4.66 25.65 1.55
C PHE A 23 -5.38 25.19 0.25
N LYS A 24 -5.74 26.07 -0.67
CA LYS A 24 -6.52 25.63 -1.84
C LYS A 24 -5.65 25.10 -2.99
N PRO A 25 -5.90 23.85 -3.42
CA PRO A 25 -5.15 23.35 -4.57
C PRO A 25 -5.41 24.22 -5.79
N PRO A 26 -4.41 24.37 -6.67
CA PRO A 26 -4.60 25.19 -7.85
C PRO A 26 -5.57 24.54 -8.86
N PRO A 27 -6.17 25.36 -9.72
CA PRO A 27 -7.01 24.87 -10.82
C PRO A 27 -6.18 24.19 -11.85
N ARG A 28 -6.77 23.22 -12.54
CA ARG A 28 -6.12 22.67 -13.72
C ARG A 28 -5.73 23.79 -14.66
N PRO A 29 -4.45 23.93 -14.90
CA PRO A 29 -3.94 24.96 -15.77
C PRO A 29 -4.38 24.81 -17.21
N ASP A 30 -4.49 23.60 -17.72
CA ASP A 30 -4.82 23.37 -19.08
C ASP A 30 -4.87 21.87 -19.27
N PHE A 31 -5.03 21.39 -20.48
CA PHE A 31 -5.02 19.97 -20.72
C PHE A 31 -3.76 19.59 -21.50
N GLY A 32 -3.27 18.39 -21.31
CA GLY A 32 -2.04 17.98 -21.95
C GLY A 32 -2.29 17.76 -23.42
N THR A 33 -1.27 18.03 -24.25
CA THR A 33 -1.35 17.86 -25.72
C THR A 33 -0.31 16.85 -26.24
N SER A 34 0.67 16.54 -25.42
CA SER A 34 1.78 15.73 -25.84
C SER A 34 1.42 14.26 -26.01
N GLY A 35 1.98 13.62 -27.02
CA GLY A 35 1.83 12.18 -27.20
C GLY A 35 0.69 11.68 -28.10
N ARG A 36 0.98 10.66 -28.89
CA ARG A 36 -0.07 10.02 -29.70
C ARG A 36 -1.21 9.51 -28.82
N THR A 37 -2.40 9.40 -29.39
CA THR A 37 -3.56 9.06 -28.60
C THR A 37 -3.76 7.54 -28.54
N ILE A 38 -4.41 7.12 -27.46
CA ILE A 38 -4.78 5.74 -27.24
C ILE A 38 -6.22 5.69 -26.70
N LYS A 39 -7.00 4.75 -27.21
CA LYS A 39 -8.30 4.51 -26.66
C LYS A 39 -8.26 3.62 -25.41
N LEU A 40 -8.84 4.08 -24.32
CA LEU A 40 -8.82 3.28 -23.11
C LEU A 40 -10.22 3.10 -22.55
N GLN A 41 -10.39 2.07 -21.74
CA GLN A 41 -11.55 1.96 -20.86
C GLN A 41 -11.12 2.04 -19.38
N ALA A 42 -11.92 2.74 -18.59
CA ALA A 42 -11.62 2.90 -17.18
C ALA A 42 -12.69 2.19 -16.37
N ASN A 43 -12.33 1.67 -15.19
CA ASN A 43 -13.31 1.02 -14.34
C ASN A 43 -14.14 2.04 -13.53
N PHE A 44 -14.56 3.08 -14.24
CA PHE A 44 -15.48 4.12 -13.79
C PHE A 44 -16.76 3.98 -14.56
N PHE A 45 -17.87 3.95 -13.83
CA PHE A 45 -19.18 3.79 -14.43
C PHE A 45 -20.06 5.00 -14.21
N GLU A 46 -20.47 5.63 -15.30
CA GLU A 46 -21.20 6.89 -15.25
C GLU A 46 -22.46 6.78 -14.45
N MET A 47 -22.72 7.81 -13.67
CA MET A 47 -23.92 7.86 -12.86
C MET A 47 -24.83 8.99 -13.34
N ASP A 48 -26.12 8.68 -13.50
CA ASP A 48 -27.11 9.75 -13.66
C ASP A 48 -27.81 9.93 -12.35
N ILE A 49 -27.67 11.14 -11.83
CA ILE A 49 -28.18 11.54 -10.53
C ILE A 49 -29.32 12.54 -10.81
N PRO A 50 -30.42 12.47 -10.04
CA PRO A 50 -31.48 13.45 -10.26
C PRO A 50 -31.10 14.84 -9.76
N LYS A 51 -31.75 15.85 -10.31
CA LYS A 51 -31.50 17.23 -9.95
C LYS A 51 -32.47 17.64 -8.88
N ILE A 52 -32.55 16.86 -7.82
CA ILE A 52 -33.59 17.02 -6.81
C ILE A 52 -32.98 17.09 -5.41
N ASP A 53 -33.73 17.60 -4.44
CA ASP A 53 -33.28 17.55 -3.04
C ASP A 53 -33.54 16.18 -2.43
N ILE A 54 -32.64 15.81 -1.53
CA ILE A 54 -32.82 14.66 -0.65
C ILE A 54 -32.61 15.19 0.78
N TYR A 55 -33.12 14.47 1.77
CA TYR A 55 -33.21 15.00 3.13
C TYR A 55 -32.28 14.24 4.08
N HIS A 56 -31.53 14.99 4.87
CA HIS A 56 -30.57 14.44 5.81
C HIS A 56 -31.26 14.38 7.16
N TYR A 57 -31.02 13.29 7.90
CA TYR A 57 -31.56 13.12 9.24
C TYR A 57 -30.45 12.59 10.13
N GLU A 58 -30.34 13.14 11.33
CA GLU A 58 -29.45 12.59 12.33
C GLU A 58 -30.18 11.56 13.19
N LEU A 59 -29.50 10.45 13.48
CA LEU A 59 -29.98 9.45 14.42
C LEU A 59 -29.02 9.27 15.58
N ASP A 60 -29.49 8.66 16.66
CA ASP A 60 -28.61 8.15 17.71
C ASP A 60 -29.32 7.00 18.39
N ILE A 61 -28.57 5.93 18.59
CA ILE A 61 -29.11 4.68 19.10
C ILE A 61 -28.56 4.41 20.51
N LYS A 62 -29.42 4.47 21.52
CA LYS A 62 -29.00 4.10 22.86
C LYS A 62 -29.36 2.65 23.18
N PRO A 63 -28.35 1.79 23.48
CA PRO A 63 -26.91 2.05 23.61
C PRO A 63 -26.14 2.13 22.29
N GLU A 64 -25.03 2.86 22.27
CA GLU A 64 -24.27 3.11 21.04
C GLU A 64 -22.89 2.47 20.99
N LYS A 65 -22.64 1.52 21.88
CA LYS A 65 -21.39 0.77 21.82
C LYS A 65 -21.49 -0.26 20.68
N CYS A 66 -22.69 -0.40 20.15
CA CYS A 66 -23.03 -1.42 19.17
C CYS A 66 -22.20 -1.32 17.91
N PRO A 67 -21.82 -2.48 17.36
CA PRO A 67 -21.22 -2.46 16.04
C PRO A 67 -22.11 -1.77 15.02
N ARG A 68 -21.45 -1.31 13.96
CA ARG A 68 -22.08 -0.63 12.85
C ARG A 68 -23.17 -1.49 12.21
N ARG A 69 -22.90 -2.78 12.12
CA ARG A 69 -23.85 -3.66 11.50
C ARG A 69 -25.06 -3.92 12.39
N VAL A 70 -24.95 -3.79 13.71
CA VAL A 70 -26.10 -4.00 14.59
C VAL A 70 -27.06 -2.82 14.42
N ASN A 71 -26.49 -1.63 14.34
CA ASN A 71 -27.23 -0.39 14.13
C ASN A 71 -28.06 -0.43 12.86
N ARG A 72 -27.44 -0.84 11.76
CA ARG A 72 -28.15 -0.98 10.49
C ARG A 72 -29.32 -1.95 10.65
N GLU A 73 -29.19 -2.95 11.52
CA GLU A 73 -30.29 -3.89 11.75
C GLU A 73 -31.42 -3.20 12.50
N ILE A 74 -31.08 -2.46 13.54
CA ILE A 74 -32.11 -1.89 14.41
C ILE A 74 -32.84 -0.79 13.63
N VAL A 75 -32.15 -0.19 12.68
CA VAL A 75 -32.74 0.84 11.83
C VAL A 75 -33.58 0.21 10.74
N GLU A 76 -33.12 -0.92 10.21
CA GLU A 76 -33.95 -1.64 9.24
C GLU A 76 -35.28 -2.09 9.88
N HIS A 77 -35.21 -2.64 11.09
CA HIS A 77 -36.42 -3.10 11.78
C HIS A 77 -37.28 -1.91 12.15
N MET A 78 -36.64 -0.77 12.37
CA MET A 78 -37.37 0.45 12.66
C MET A 78 -38.20 0.88 11.46
N VAL A 79 -37.65 0.73 10.27
CA VAL A 79 -38.35 1.22 9.09
C VAL A 79 -39.57 0.37 8.80
N GLN A 80 -39.44 -0.95 8.84
CA GLN A 80 -40.59 -1.79 8.55
C GLN A 80 -41.62 -1.71 9.68
N HIS A 81 -41.14 -1.59 10.92
CA HIS A 81 -42.03 -1.57 12.06
C HIS A 81 -42.88 -0.30 12.07
N PHE A 82 -42.23 0.85 12.04
CA PHE A 82 -42.93 2.14 12.07
C PHE A 82 -43.35 2.60 10.67
N LYS A 83 -43.59 1.63 9.79
CA LYS A 83 -44.01 1.91 8.41
C LYS A 83 -45.08 3.00 8.30
N THR A 84 -46.05 3.04 9.22
CA THR A 84 -47.26 3.81 8.96
C THR A 84 -47.29 5.19 9.63
N GLN A 85 -46.85 5.32 10.87
CA GLN A 85 -46.90 6.64 11.50
C GLN A 85 -45.66 7.45 11.21
N ILE A 86 -44.73 6.83 10.52
CA ILE A 86 -43.46 7.44 10.13
C ILE A 86 -43.11 6.72 8.83
N PHE A 87 -42.02 7.10 8.17
CA PHE A 87 -41.49 6.33 7.03
C PHE A 87 -42.55 5.80 6.08
N GLY A 88 -43.62 6.55 5.85
CA GLY A 88 -44.59 6.16 4.83
C GLY A 88 -43.90 6.22 3.48
N ASP A 89 -43.23 7.34 3.24
CA ASP A 89 -42.35 7.54 2.07
C ASP A 89 -41.17 6.57 2.15
N ARG A 90 -41.33 5.43 1.47
CA ARG A 90 -40.50 4.25 1.68
C ARG A 90 -38.99 4.47 1.50
N LYS A 91 -38.22 3.50 2.01
CA LYS A 91 -36.82 3.27 1.61
C LYS A 91 -35.79 4.36 1.94
N PRO A 92 -35.61 4.69 3.24
CA PRO A 92 -34.44 5.47 3.66
C PRO A 92 -33.12 4.67 3.58
N VAL A 93 -31.98 5.37 3.56
CA VAL A 93 -30.67 4.71 3.60
C VAL A 93 -29.92 5.14 4.84
N PHE A 94 -29.00 4.30 5.32
CA PHE A 94 -28.35 4.47 6.63
C PHE A 94 -26.83 4.16 6.54
N ASP A 95 -26.02 4.92 7.28
CA ASP A 95 -24.57 4.82 7.17
C ASP A 95 -23.98 4.01 8.31
N GLY A 96 -24.84 3.45 9.15
CA GLY A 96 -24.40 2.55 10.19
C GLY A 96 -24.18 3.26 11.51
N ARG A 97 -24.24 4.59 11.47
CA ARG A 97 -24.11 5.37 12.68
C ARG A 97 -24.58 6.81 12.47
N LYS A 98 -25.72 7.15 13.05
CA LYS A 98 -26.17 8.55 13.13
C LYS A 98 -26.56 9.30 11.83
N ASN A 99 -26.40 8.74 10.62
CA ASN A 99 -26.88 9.43 9.42
C ASN A 99 -27.88 8.65 8.59
N LEU A 100 -29.03 9.27 8.32
CA LEU A 100 -30.10 8.64 7.55
C LEU A 100 -30.63 9.58 6.45
N TYR A 101 -30.81 9.07 5.23
CA TYR A 101 -31.26 9.90 4.13
C TYR A 101 -32.59 9.38 3.56
N THR A 102 -33.44 10.31 3.12
CA THR A 102 -34.63 9.95 2.38
C THR A 102 -34.70 10.76 1.11
N ALA A 103 -35.31 10.17 0.09
CA ALA A 103 -35.52 10.81 -1.21
C ALA A 103 -36.63 11.88 -1.17
N MET A 104 -37.59 11.65 -0.28
CA MET A 104 -38.69 12.59 -0.03
C MET A 104 -38.73 12.81 1.47
N PRO A 105 -39.27 13.96 1.90
CA PRO A 105 -39.20 14.26 3.33
C PRO A 105 -40.21 13.43 4.13
N LEU A 106 -39.99 13.40 5.44
CA LEU A 106 -40.82 12.63 6.36
C LEU A 106 -41.78 13.54 7.13
N PRO A 107 -42.78 12.96 7.80
CA PRO A 107 -43.63 13.76 8.69
C PRO A 107 -43.01 14.03 10.05
N ILE A 108 -41.85 14.68 10.03
CA ILE A 108 -41.03 14.83 11.23
C ILE A 108 -41.02 16.27 11.73
N GLY A 109 -40.93 17.22 10.81
CA GLY A 109 -40.51 18.56 11.15
C GLY A 109 -39.05 18.57 11.59
N ARG A 110 -38.65 19.63 12.28
CA ARG A 110 -37.33 19.68 12.93
C ARG A 110 -37.43 18.94 14.25
N ASP A 111 -38.67 18.85 14.76
CA ASP A 111 -38.98 18.14 15.98
C ASP A 111 -38.26 16.79 16.03
N LYS A 112 -37.66 16.49 17.16
CA LYS A 112 -36.99 15.25 17.34
C LYS A 112 -38.13 14.29 17.34
N VAL A 113 -37.87 13.02 17.24
CA VAL A 113 -38.89 12.04 17.52
C VAL A 113 -38.25 10.94 18.30
N GLU A 114 -38.96 10.47 19.30
CA GLU A 114 -38.39 9.45 20.14
C GLU A 114 -39.08 8.12 19.80
N LEU A 115 -38.29 7.10 19.44
CA LEU A 115 -38.83 5.79 19.08
C LEU A 115 -38.13 4.67 19.84
N GLU A 116 -38.89 3.60 20.07
CA GLU A 116 -38.40 2.42 20.74
C GLU A 116 -38.50 1.28 19.75
N VAL A 117 -37.45 0.47 19.67
CA VAL A 117 -37.41 -0.66 18.76
C VAL A 117 -36.89 -1.85 19.51
N THR A 118 -37.41 -3.02 19.19
CA THR A 118 -37.01 -4.24 19.87
C THR A 118 -36.31 -5.11 18.86
N LEU A 119 -35.07 -5.49 19.18
CA LEU A 119 -34.29 -6.30 18.28
C LEU A 119 -34.36 -7.72 18.80
N PRO A 120 -34.55 -8.70 17.90
CA PRO A 120 -34.55 -10.12 18.28
C PRO A 120 -33.13 -10.69 18.47
N ILE A 127 -34.01 -4.02 22.18
CA ILE A 127 -34.46 -3.16 23.28
C ILE A 127 -33.85 -1.75 23.20
N PHE A 128 -33.98 -1.11 22.05
CA PHE A 128 -33.28 0.14 21.79
C PHE A 128 -34.18 1.36 21.73
N LYS A 129 -33.63 2.50 22.12
CA LYS A 129 -34.31 3.78 21.92
C LYS A 129 -33.53 4.52 20.86
N VAL A 130 -34.26 5.08 19.89
CA VAL A 130 -33.65 5.85 18.80
C VAL A 130 -34.42 7.12 18.53
N SER A 131 -33.70 8.21 18.39
CA SER A 131 -34.32 9.49 18.11
C SER A 131 -33.93 9.93 16.70
N ILE A 132 -34.86 10.58 16.00
CA ILE A 132 -34.63 11.05 14.63
C ILE A 132 -34.80 12.57 14.50
N LYS A 133 -33.69 13.29 14.53
CA LYS A 133 -33.70 14.73 14.30
C LYS A 133 -33.36 15.01 12.86
N TRP A 134 -34.19 15.81 12.21
CA TRP A 134 -33.86 16.35 10.90
C TRP A 134 -32.67 17.29 11.02
N VAL A 135 -31.80 17.32 9.99
CA VAL A 135 -30.63 18.20 10.03
C VAL A 135 -30.57 19.17 8.85
N SER A 136 -30.78 18.67 7.64
CA SER A 136 -30.67 19.53 6.46
C SER A 136 -31.19 18.86 5.19
N CYS A 137 -31.24 19.64 4.11
CA CYS A 137 -31.40 19.08 2.76
C CYS A 137 -30.04 18.90 2.13
N VAL A 138 -30.01 18.05 1.11
CA VAL A 138 -28.82 17.90 0.27
C VAL A 138 -29.28 18.09 -1.17
N SER A 139 -29.00 19.28 -1.71
CA SER A 139 -29.35 19.58 -3.10
C SER A 139 -28.43 18.84 -4.06
N LEU A 140 -29.00 17.89 -4.79
CA LEU A 140 -28.23 17.16 -5.78
C LEU A 140 -28.07 18.04 -6.99
N GLN A 141 -28.89 19.09 -7.06
CA GLN A 141 -28.79 20.05 -8.13
C GLN A 141 -27.48 20.84 -8.02
N ALA A 142 -27.08 21.12 -6.78
CA ALA A 142 -25.86 21.88 -6.52
C ALA A 142 -24.64 21.03 -6.83
N LEU A 143 -24.83 19.71 -6.79
CA LEU A 143 -23.77 18.80 -7.13
C LEU A 143 -23.55 18.81 -8.64
N HIS A 144 -24.63 18.82 -9.41
CA HIS A 144 -24.51 19.02 -10.86
C HIS A 144 -23.66 20.24 -11.16
N ASP A 145 -23.98 21.35 -10.49
CA ASP A 145 -23.32 22.61 -10.72
C ASP A 145 -21.82 22.60 -10.34
N ALA A 146 -21.47 22.05 -9.19
CA ALA A 146 -20.06 21.87 -8.82
C ALA A 146 -19.30 21.04 -9.85
N LEU A 147 -19.99 20.10 -10.50
CA LEU A 147 -19.41 19.32 -11.61
C LEU A 147 -19.38 20.12 -12.91
N SER A 148 -20.26 21.11 -13.03
CA SER A 148 -20.44 21.86 -14.26
C SER A 148 -19.93 23.30 -14.13
N GLY A 149 -18.78 23.47 -13.46
CA GLY A 149 -18.09 24.75 -13.39
C GLY A 149 -18.87 25.94 -12.83
N ARG A 150 -20.14 25.77 -12.53
CA ARG A 150 -20.92 26.80 -11.86
C ARG A 150 -20.31 27.08 -10.48
N LEU A 151 -20.12 26.03 -9.68
CA LEU A 151 -19.61 26.16 -8.31
C LEU A 151 -18.15 25.71 -8.24
N PRO A 152 -17.31 26.45 -7.47
CA PRO A 152 -15.85 26.26 -7.47
C PRO A 152 -15.33 25.09 -6.62
N SER A 153 -16.20 24.57 -5.76
CA SER A 153 -15.82 23.50 -4.85
C SER A 153 -16.90 22.41 -4.87
N VAL A 154 -16.43 21.17 -4.79
CA VAL A 154 -17.27 19.97 -4.75
C VAL A 154 -17.84 19.70 -3.34
N PRO A 155 -19.18 19.75 -3.18
CA PRO A 155 -19.73 19.60 -1.82
C PRO A 155 -19.62 18.18 -1.27
N PHE A 156 -18.64 17.93 -0.39
CA PHE A 156 -18.37 16.60 0.11
C PHE A 156 -19.61 15.94 0.68
N GLU A 157 -20.36 16.69 1.47
CA GLU A 157 -21.53 16.17 2.15
C GLU A 157 -22.53 15.54 1.21
N THR A 158 -22.58 16.06 -0.01
CA THR A 158 -23.42 15.53 -1.06
C THR A 158 -22.87 14.21 -1.61
N ILE A 159 -21.57 14.19 -1.85
CA ILE A 159 -20.88 12.97 -2.27
C ILE A 159 -21.09 11.94 -1.19
N GLN A 160 -20.88 12.32 0.07
CA GLN A 160 -21.09 11.38 1.18
C GLN A 160 -22.46 10.73 1.11
N ALA A 161 -23.46 11.55 0.83
CA ALA A 161 -24.84 11.10 0.86
C ALA A 161 -25.06 10.06 -0.23
N LEU A 162 -24.54 10.32 -1.43
CA LEU A 162 -24.62 9.36 -2.51
C LEU A 162 -23.88 8.07 -2.17
N ASP A 163 -22.76 8.22 -1.50
CA ASP A 163 -22.02 7.05 -1.09
C ASP A 163 -22.86 6.22 -0.11
N VAL A 164 -23.55 6.85 0.83
CA VAL A 164 -24.39 6.09 1.77
C VAL A 164 -25.53 5.40 1.03
N VAL A 165 -26.14 6.08 0.06
CA VAL A 165 -27.10 5.44 -0.83
C VAL A 165 -26.52 4.18 -1.50
N MET A 166 -25.40 4.33 -2.20
CA MET A 166 -24.85 3.21 -2.97
C MET A 166 -24.40 2.06 -2.09
N ARG A 167 -24.05 2.35 -0.84
CA ARG A 167 -23.55 1.31 0.08
C ARG A 167 -24.64 0.61 0.86
N HIS A 168 -25.82 1.22 0.93
CA HIS A 168 -26.86 0.75 1.85
C HIS A 168 -27.18 -0.76 1.75
N LEU A 169 -27.66 -1.20 0.60
CA LEU A 169 -28.05 -2.60 0.45
C LEU A 169 -26.85 -3.51 0.66
N PRO A 170 -25.78 -3.34 -0.16
CA PRO A 170 -24.68 -4.30 -0.02
C PRO A 170 -24.00 -4.31 1.36
N SER A 171 -24.24 -3.31 2.22
CA SER A 171 -23.62 -3.31 3.55
C SER A 171 -24.28 -4.31 4.50
N MET A 172 -25.48 -4.75 4.12
CA MET A 172 -26.24 -5.70 4.91
C MET A 172 -26.30 -7.04 4.21
N ARG A 173 -26.28 -7.01 2.88
CA ARG A 173 -26.24 -8.22 2.09
C ARG A 173 -24.87 -8.90 2.14
N TYR A 174 -23.79 -8.15 1.91
CA TYR A 174 -22.42 -8.72 1.99
C TYR A 174 -21.66 -8.32 3.25
N THR A 175 -20.38 -8.68 3.32
CA THR A 175 -19.50 -8.28 4.44
C THR A 175 -18.67 -7.07 4.09
N PRO A 176 -18.90 -5.92 4.74
CA PRO A 176 -18.07 -4.79 4.32
C PRO A 176 -16.64 -4.87 4.85
N VAL A 177 -15.70 -4.42 4.03
CA VAL A 177 -14.31 -4.35 4.43
C VAL A 177 -13.71 -3.14 3.79
N GLY A 178 -13.59 -2.08 4.56
CA GLY A 178 -13.20 -0.80 4.01
C GLY A 178 -14.28 -0.38 3.05
N ARG A 179 -13.84 0.05 1.88
CA ARG A 179 -14.72 0.50 0.85
C ARG A 179 -15.17 -0.63 -0.04
N SER A 180 -14.86 -1.85 0.40
CA SER A 180 -15.23 -3.05 -0.32
C SER A 180 -16.34 -3.88 0.32
N PHE A 181 -16.69 -4.93 -0.42
CA PHE A 181 -17.72 -5.87 -0.06
C PHE A 181 -17.26 -7.26 -0.45
N PHE A 182 -17.40 -8.23 0.46
CA PHE A 182 -16.97 -9.61 0.18
C PHE A 182 -18.06 -10.65 0.45
N THR A 183 -17.95 -11.79 -0.22
CA THR A 183 -18.91 -12.84 -0.02
C THR A 183 -18.30 -14.15 -0.43
N ALA A 184 -18.83 -15.22 0.15
CA ALA A 184 -18.40 -16.54 -0.25
C ALA A 184 -19.05 -16.75 -1.60
N SER A 185 -18.27 -17.19 -2.57
CA SER A 185 -18.75 -17.24 -3.94
C SER A 185 -19.55 -18.53 -4.14
N GLU A 186 -20.73 -18.38 -4.74
CA GLU A 186 -21.66 -19.49 -4.94
C GLU A 186 -21.07 -20.54 -5.88
N GLY A 187 -20.95 -21.78 -5.41
CA GLY A 187 -20.59 -22.87 -6.30
C GLY A 187 -19.12 -23.23 -6.44
N CYS A 188 -18.26 -22.48 -5.77
CA CYS A 188 -16.84 -22.79 -5.71
C CYS A 188 -16.29 -22.58 -4.30
N SER A 189 -15.23 -23.29 -3.97
CA SER A 189 -14.51 -22.99 -2.74
C SER A 189 -13.08 -22.79 -3.11
N ASN A 190 -12.44 -21.93 -2.31
CA ASN A 190 -11.03 -21.66 -2.44
C ASN A 190 -10.37 -21.83 -1.07
N PRO A 191 -10.31 -23.08 -0.56
CA PRO A 191 -9.67 -23.27 0.74
C PRO A 191 -8.20 -22.86 0.69
N LEU A 192 -7.71 -22.29 1.78
CA LEU A 192 -6.30 -21.92 1.90
C LEU A 192 -5.63 -22.89 2.89
N GLY A 193 -6.45 -23.59 3.67
CA GLY A 193 -5.97 -24.51 4.69
C GLY A 193 -5.91 -23.73 5.98
N GLY A 194 -5.68 -24.42 7.09
CA GLY A 194 -5.68 -23.79 8.39
C GLY A 194 -6.99 -23.12 8.73
N GLY A 195 -8.08 -23.60 8.11
CA GLY A 195 -9.42 -23.06 8.34
C GLY A 195 -9.77 -21.78 7.59
N ARG A 196 -8.89 -21.42 6.65
CA ARG A 196 -9.03 -20.21 5.88
C ARG A 196 -9.44 -20.52 4.44
N GLU A 197 -10.05 -19.55 3.78
CA GLU A 197 -10.47 -19.70 2.39
C GLU A 197 -10.55 -18.32 1.68
N VAL A 198 -10.56 -18.31 0.36
CA VAL A 198 -10.62 -17.05 -0.34
C VAL A 198 -12.08 -16.67 -0.54
N TRP A 199 -12.43 -15.47 -0.08
CA TRP A 199 -13.65 -14.79 -0.50
C TRP A 199 -13.38 -13.77 -1.60
N PHE A 200 -14.31 -13.65 -2.52
CA PHE A 200 -14.22 -12.68 -3.60
C PHE A 200 -15.14 -11.52 -3.34
N GLY A 201 -14.74 -10.38 -3.84
CA GLY A 201 -15.48 -9.16 -3.59
C GLY A 201 -15.27 -8.02 -4.58
N PHE A 202 -15.69 -6.83 -4.19
CA PHE A 202 -15.43 -5.69 -5.02
C PHE A 202 -15.23 -4.46 -4.13
N HIS A 203 -14.38 -3.57 -4.63
CA HIS A 203 -14.32 -2.19 -4.15
C HIS A 203 -15.48 -1.39 -4.75
N GLN A 204 -15.98 -0.43 -4.00
CA GLN A 204 -17.03 0.44 -4.48
C GLN A 204 -16.81 1.82 -3.92
N SER A 205 -16.78 2.82 -4.81
CA SER A 205 -16.82 4.20 -4.37
C SER A 205 -17.42 5.16 -5.40
N VAL A 206 -17.81 6.31 -4.89
CA VAL A 206 -18.48 7.36 -5.61
C VAL A 206 -17.54 8.54 -5.78
N ARG A 207 -17.26 8.90 -7.03
CA ARG A 207 -16.33 9.96 -7.34
C ARG A 207 -16.90 11.02 -8.30
N PRO A 208 -16.61 12.29 -8.04
CA PRO A 208 -16.92 13.32 -9.02
C PRO A 208 -15.97 13.23 -10.18
N SER A 209 -16.33 13.77 -11.32
CA SER A 209 -15.33 13.90 -12.36
C SER A 209 -15.61 15.06 -13.31
N LEU A 210 -14.70 15.22 -14.25
CA LEU A 210 -14.83 16.22 -15.30
C LEU A 210 -16.14 15.99 -16.04
N TRP A 211 -16.56 14.74 -16.15
CA TRP A 211 -17.77 14.36 -16.82
C TRP A 211 -18.90 14.26 -15.78
N LYS A 212 -19.39 13.07 -15.49
CA LYS A 212 -20.44 12.91 -14.49
C LYS A 212 -19.91 12.33 -13.16
N MET A 213 -20.82 12.06 -12.22
CA MET A 213 -20.47 11.22 -11.10
C MET A 213 -20.08 9.85 -11.63
N MET A 214 -19.09 9.22 -10.97
CA MET A 214 -18.55 7.93 -11.38
C MET A 214 -18.68 6.88 -10.27
N LEU A 215 -19.17 5.71 -10.63
CA LEU A 215 -19.13 4.59 -9.73
C LEU A 215 -17.87 3.82 -10.10
N ASN A 216 -16.87 3.90 -9.23
CA ASN A 216 -15.60 3.17 -9.36
C ASN A 216 -15.73 1.78 -8.73
N ILE A 217 -15.70 0.76 -9.60
CA ILE A 217 -15.77 -0.64 -9.20
C ILE A 217 -14.51 -1.40 -9.55
N ASP A 218 -14.01 -2.20 -8.61
CA ASP A 218 -12.93 -3.11 -8.89
C ASP A 218 -13.17 -4.42 -8.15
N VAL A 219 -12.73 -5.54 -8.73
CA VAL A 219 -12.84 -6.86 -8.08
C VAL A 219 -11.66 -7.00 -7.09
N SER A 220 -11.81 -7.84 -6.08
CA SER A 220 -10.71 -8.08 -5.17
C SER A 220 -10.98 -9.42 -4.55
N ALA A 221 -10.08 -9.83 -3.65
CA ALA A 221 -10.19 -11.09 -2.98
C ALA A 221 -9.38 -10.98 -1.72
N THR A 222 -9.83 -11.70 -0.69
CA THR A 222 -9.18 -11.66 0.62
C THR A 222 -9.54 -12.90 1.44
N ALA A 223 -8.76 -13.17 2.47
CA ALA A 223 -8.91 -14.39 3.25
C ALA A 223 -10.00 -14.24 4.28
N PHE A 224 -10.86 -15.25 4.34
CA PHE A 224 -11.81 -15.40 5.44
C PHE A 224 -11.67 -16.77 6.16
N TYR A 225 -12.15 -16.84 7.40
CA TYR A 225 -12.28 -18.13 8.07
C TYR A 225 -13.52 -18.85 7.56
N LYS A 226 -13.41 -20.16 7.36
CA LYS A 226 -14.54 -20.99 6.96
C LYS A 226 -15.56 -21.16 8.06
N ALA A 227 -16.83 -20.93 7.74
CA ALA A 227 -17.86 -21.17 8.71
C ALA A 227 -18.02 -22.71 8.82
N GLN A 228 -17.29 -23.29 9.76
CA GLN A 228 -17.33 -24.74 9.99
C GLN A 228 -17.40 -25.11 11.48
N PRO A 229 -17.76 -26.37 11.76
CA PRO A 229 -17.65 -26.84 13.14
C PRO A 229 -16.25 -26.58 13.67
N VAL A 230 -16.12 -26.17 14.92
CA VAL A 230 -14.80 -25.96 15.49
C VAL A 230 -13.99 -27.24 15.37
N ILE A 231 -14.66 -28.39 15.42
CA ILE A 231 -13.94 -29.66 15.33
C ILE A 231 -13.14 -29.75 14.04
N GLU A 232 -13.80 -29.42 12.94
CA GLU A 232 -13.12 -29.44 11.65
C GLU A 232 -12.06 -28.35 11.62
N PHE A 233 -12.33 -27.22 12.27
CA PHE A 233 -11.32 -26.15 12.37
C PHE A 233 -10.09 -26.71 13.08
N VAL A 234 -10.30 -27.47 14.14
CA VAL A 234 -9.18 -28.11 14.81
C VAL A 234 -8.38 -29.01 13.86
N CYS A 235 -9.09 -29.85 13.08
CA CYS A 235 -8.44 -30.80 12.19
C CYS A 235 -7.66 -30.08 11.06
N GLU A 236 -8.13 -28.93 10.61
CA GLU A 236 -7.40 -28.24 9.53
C GLU A 236 -6.13 -27.60 10.07
N VAL A 237 -6.23 -27.04 11.27
CA VAL A 237 -5.11 -26.34 11.92
C VAL A 237 -4.00 -27.32 12.36
N LEU A 238 -4.38 -28.49 12.86
CA LEU A 238 -3.41 -29.41 13.46
C LEU A 238 -2.90 -30.42 12.45
N ASP A 239 -3.44 -30.33 11.24
CA ASP A 239 -3.13 -31.25 10.14
C ASP A 239 -3.56 -32.68 10.48
N PHE A 240 -4.78 -32.81 11.01
CA PHE A 240 -5.44 -34.09 11.14
C PHE A 240 -6.24 -34.37 9.87
N LYS A 241 -6.22 -35.62 9.41
CA LYS A 241 -7.12 -36.03 8.33
C LYS A 241 -8.53 -36.05 8.91
N SER A 242 -8.63 -36.36 10.20
CA SER A 242 -9.91 -36.40 10.88
C SER A 242 -9.70 -36.33 12.39
N ILE A 243 -10.78 -36.17 13.13
CA ILE A 243 -10.71 -36.29 14.57
C ILE A 243 -10.66 -37.80 14.86
N GLU A 244 -10.68 -38.20 16.14
CA GLU A 244 -10.48 -39.60 16.51
C GLU A 244 -9.07 -40.03 16.08
N GLU A 245 -8.24 -39.04 15.81
CA GLU A 245 -6.87 -39.24 15.34
C GLU A 245 -5.97 -38.26 16.10
N GLN A 246 -5.77 -38.47 17.39
CA GLN A 246 -6.27 -39.62 18.13
C GLN A 246 -7.26 -39.21 19.21
N GLN A 247 -7.62 -40.19 20.06
CA GLN A 247 -8.59 -40.01 21.13
C GLN A 247 -7.90 -39.63 22.43
N LYS A 248 -6.59 -39.40 22.38
CA LYS A 248 -5.86 -38.86 23.53
C LYS A 248 -6.00 -37.34 23.51
N PRO A 249 -6.04 -36.71 24.71
CA PRO A 249 -6.04 -35.24 24.77
C PRO A 249 -4.83 -34.68 24.06
N LEU A 250 -4.91 -33.42 23.62
CA LEU A 250 -3.85 -32.89 22.76
C LEU A 250 -2.60 -32.64 23.56
N THR A 251 -1.47 -32.72 22.87
CA THR A 251 -0.18 -32.31 23.43
C THR A 251 -0.29 -30.85 23.84
N ASP A 252 0.66 -30.35 24.61
CA ASP A 252 0.68 -28.93 24.89
C ASP A 252 0.97 -28.19 23.59
N SER A 253 1.83 -28.80 22.76
CA SER A 253 2.23 -28.23 21.47
C SER A 253 1.04 -28.04 20.53
N GLN A 254 0.18 -29.06 20.45
CA GLN A 254 -1.01 -29.01 19.64
C GLN A 254 -2.06 -28.06 20.18
N ARG A 255 -2.28 -28.10 21.49
CA ARG A 255 -3.23 -27.22 22.16
C ARG A 255 -2.85 -25.75 22.04
N VAL A 256 -1.56 -25.45 22.16
CA VAL A 256 -1.11 -24.07 22.10
C VAL A 256 -1.31 -23.53 20.69
N LYS A 257 -0.91 -24.29 19.68
CA LYS A 257 -1.07 -23.86 18.28
C LYS A 257 -2.55 -23.60 17.94
N PHE A 258 -3.43 -24.50 18.37
CA PHE A 258 -4.88 -24.34 18.17
C PHE A 258 -5.37 -23.05 18.83
N THR A 259 -4.96 -22.85 20.08
CA THR A 259 -5.26 -21.64 20.84
C THR A 259 -4.79 -20.37 20.12
N LYS A 260 -3.62 -20.43 19.46
CA LYS A 260 -3.12 -19.27 18.73
C LYS A 260 -4.09 -18.92 17.59
N GLU A 261 -4.70 -19.93 17.00
CA GLU A 261 -5.50 -19.71 15.80
C GLU A 261 -6.88 -19.20 16.17
N ILE A 262 -7.52 -19.80 17.17
CA ILE A 262 -8.93 -19.51 17.42
C ILE A 262 -9.18 -18.40 18.45
N LYS A 263 -8.17 -18.01 19.23
CA LYS A 263 -8.36 -16.93 20.22
C LYS A 263 -8.77 -15.64 19.46
N GLY A 264 -9.78 -14.94 19.99
CA GLY A 264 -10.33 -13.76 19.37
C GLY A 264 -11.29 -13.93 18.22
N LEU A 265 -11.56 -15.18 17.82
CA LEU A 265 -12.54 -15.44 16.75
C LEU A 265 -13.90 -15.65 17.39
N LYS A 266 -14.94 -15.45 16.59
CA LYS A 266 -16.29 -15.60 17.08
C LYS A 266 -16.76 -17.02 16.80
N VAL A 267 -17.60 -17.56 17.69
CA VAL A 267 -18.18 -18.89 17.56
C VAL A 267 -19.68 -18.81 17.89
N GLU A 268 -20.46 -19.79 17.40
CA GLU A 268 -21.90 -19.83 17.65
C GLU A 268 -22.35 -21.25 18.08
N ILE A 269 -23.38 -21.33 18.93
CA ILE A 269 -23.83 -22.63 19.45
C ILE A 269 -25.28 -22.97 19.09
N LYS A 276 -27.84 -19.20 17.64
CA LYS A 276 -28.47 -18.20 18.50
C LYS A 276 -27.43 -17.38 19.26
N ARG A 277 -26.64 -18.07 20.07
CA ARG A 277 -25.64 -17.42 20.88
C ARG A 277 -24.36 -17.27 20.08
N LYS A 278 -23.78 -16.06 20.12
CA LYS A 278 -22.47 -15.80 19.54
C LYS A 278 -21.50 -15.31 20.60
N TYR A 279 -20.29 -15.84 20.59
CA TYR A 279 -19.29 -15.45 21.60
C TYR A 279 -17.93 -15.28 20.95
N ARG A 280 -17.08 -14.46 21.57
CA ARG A 280 -15.68 -14.36 21.16
C ARG A 280 -14.83 -15.25 22.06
N VAL A 281 -13.95 -16.01 21.43
CA VAL A 281 -13.07 -16.93 22.11
C VAL A 281 -11.93 -16.14 22.73
N CYS A 282 -11.81 -16.17 24.04
CA CYS A 282 -10.68 -15.50 24.70
C CYS A 282 -9.60 -16.46 25.13
N ASN A 283 -9.91 -17.76 25.15
CA ASN A 283 -8.97 -18.77 25.60
C ASN A 283 -9.34 -20.21 25.24
N VAL A 284 -8.37 -21.10 25.31
CA VAL A 284 -8.62 -22.53 25.28
C VAL A 284 -8.19 -23.12 26.63
N THR A 285 -9.00 -24.00 27.20
CA THR A 285 -8.70 -24.53 28.52
C THR A 285 -7.58 -25.55 28.45
N ARG A 286 -6.83 -25.70 29.54
CA ARG A 286 -5.77 -26.70 29.56
C ARG A 286 -6.38 -28.07 29.73
N ARG A 287 -7.49 -28.13 30.46
CA ARG A 287 -8.09 -29.41 30.79
C ARG A 287 -9.14 -29.84 29.75
N PRO A 288 -9.31 -31.16 29.57
CA PRO A 288 -10.43 -31.64 28.74
C PRO A 288 -11.78 -31.30 29.34
N ALA A 289 -12.82 -31.39 28.53
CA ALA A 289 -14.18 -31.13 29.01
C ALA A 289 -14.58 -32.16 30.07
N SER A 290 -14.05 -33.37 29.97
CA SER A 290 -14.33 -34.41 30.97
C SER A 290 -13.98 -33.92 32.39
N HIS A 291 -12.89 -33.16 32.55
CA HIS A 291 -12.42 -32.73 33.90
C HIS A 291 -12.45 -31.22 34.19
N GLN A 292 -12.53 -30.41 33.14
CA GLN A 292 -12.63 -28.97 33.31
C GLN A 292 -13.84 -28.61 34.14
N THR A 293 -13.63 -27.89 35.25
CA THR A 293 -14.71 -27.59 36.17
C THR A 293 -14.98 -26.09 36.33
N PHE A 294 -16.03 -25.78 37.09
CA PHE A 294 -16.41 -24.41 37.42
C PHE A 294 -17.42 -24.39 38.57
N PRO A 295 -17.49 -23.28 39.30
CA PRO A 295 -18.45 -23.21 40.41
C PRO A 295 -19.89 -23.03 39.93
N LEU A 296 -20.74 -24.02 40.23
CA LEU A 296 -22.15 -23.96 39.92
C LEU A 296 -22.92 -23.11 40.93
N CYS A 306 -18.85 -28.00 39.40
CA CYS A 306 -19.41 -28.90 38.38
C CYS A 306 -18.52 -28.99 37.13
N THR A 307 -18.50 -30.15 36.48
CA THR A 307 -17.63 -30.35 35.31
C THR A 307 -18.37 -30.12 33.96
N VAL A 308 -17.62 -29.74 32.93
CA VAL A 308 -18.18 -29.33 31.64
C VAL A 308 -18.92 -30.44 30.88
N ALA A 309 -18.32 -31.63 30.82
CA ALA A 309 -18.96 -32.75 30.13
C ALA A 309 -20.27 -33.07 30.83
N GLN A 310 -20.23 -33.02 32.16
CA GLN A 310 -21.37 -33.41 32.96
C GLN A 310 -22.42 -32.30 33.03
N TYR A 311 -21.98 -31.05 32.97
CA TYR A 311 -22.91 -29.93 32.94
C TYR A 311 -23.83 -30.01 31.72
N PHE A 312 -23.23 -30.33 30.58
CA PHE A 312 -23.98 -30.49 29.33
C PHE A 312 -24.74 -31.82 29.32
N LYS A 313 -24.24 -32.84 30.03
CA LYS A 313 -24.95 -34.11 30.11
C LYS A 313 -26.27 -33.87 30.86
N ASP A 314 -26.17 -33.22 32.01
CA ASP A 314 -27.32 -33.01 32.88
C ASP A 314 -28.31 -31.96 32.36
N ARG A 315 -27.84 -30.79 31.98
CA ARG A 315 -28.73 -29.71 31.57
C ARG A 315 -29.18 -29.75 30.12
N HIS A 316 -28.41 -30.41 29.25
CA HIS A 316 -28.69 -30.40 27.81
C HIS A 316 -28.73 -31.81 27.21
N LYS A 317 -28.83 -32.85 28.02
CA LYS A 317 -28.82 -34.23 27.53
C LYS A 317 -27.74 -34.48 26.47
N LEU A 318 -26.50 -34.08 26.77
CA LEU A 318 -25.41 -34.12 25.80
C LEU A 318 -24.24 -35.00 26.20
N VAL A 319 -24.20 -36.23 25.69
CA VAL A 319 -23.01 -37.07 25.86
C VAL A 319 -21.99 -36.68 24.81
N LEU A 320 -20.95 -35.97 25.24
CA LEU A 320 -19.96 -35.45 24.32
C LEU A 320 -19.24 -36.56 23.60
N ARG A 321 -19.16 -36.42 22.29
CA ARG A 321 -18.51 -37.39 21.43
C ARG A 321 -16.99 -37.37 21.65
N TYR A 322 -16.47 -36.21 22.04
CA TYR A 322 -15.02 -36.02 22.19
C TYR A 322 -14.65 -35.35 23.52
N PRO A 323 -14.94 -36.05 24.65
CA PRO A 323 -14.77 -35.44 25.97
C PRO A 323 -13.31 -35.18 26.31
N HIS A 324 -12.40 -35.81 25.56
CA HIS A 324 -10.96 -35.74 25.81
C HIS A 324 -10.34 -34.42 25.36
N LEU A 325 -11.07 -33.69 24.53
CA LEU A 325 -10.57 -32.46 23.93
C LEU A 325 -10.95 -31.28 24.81
N PRO A 326 -10.17 -30.19 24.71
CA PRO A 326 -10.39 -29.00 25.55
C PRO A 326 -11.71 -28.25 25.29
N CYS A 327 -11.88 -27.13 25.97
CA CYS A 327 -13.01 -26.24 25.75
C CYS A 327 -12.57 -24.87 25.27
N LEU A 328 -13.49 -24.15 24.67
CA LEU A 328 -13.25 -22.74 24.37
C LEU A 328 -13.70 -21.94 25.59
N GLN A 329 -12.91 -20.95 25.96
CA GLN A 329 -13.35 -19.98 26.94
C GLN A 329 -13.95 -18.84 26.15
N VAL A 330 -15.15 -18.42 26.53
CA VAL A 330 -15.82 -17.37 25.80
C VAL A 330 -16.42 -16.34 26.75
N GLY A 331 -16.42 -15.09 26.29
CA GLY A 331 -17.00 -13.98 27.03
C GLY A 331 -15.99 -13.29 27.93
N GLN A 332 -16.48 -12.81 29.07
CA GLN A 332 -15.62 -12.18 30.07
C GLN A 332 -14.53 -13.14 30.54
N GLU A 333 -13.27 -12.77 30.32
CA GLU A 333 -12.12 -13.58 30.71
C GLU A 333 -12.04 -13.79 32.22
N GLN A 334 -12.69 -12.91 32.98
CA GLN A 334 -12.75 -13.08 34.42
C GLN A 334 -13.75 -14.19 34.81
N LYS A 335 -14.77 -14.41 33.97
CA LYS A 335 -15.79 -15.42 34.22
C LYS A 335 -15.33 -16.80 33.72
N HIS A 336 -16.21 -17.79 33.84
CA HIS A 336 -15.85 -19.20 33.62
C HIS A 336 -16.76 -19.87 32.59
N THR A 337 -17.16 -19.10 31.59
CA THR A 337 -18.02 -19.65 30.53
C THR A 337 -17.19 -20.47 29.52
N TYR A 338 -17.43 -21.79 29.56
CA TYR A 338 -16.67 -22.77 28.79
C TYR A 338 -17.63 -23.50 27.87
N LEU A 339 -17.17 -23.80 26.65
CA LEU A 339 -18.00 -24.45 25.62
C LEU A 339 -17.26 -25.66 25.07
N PRO A 340 -17.93 -26.82 25.03
CA PRO A 340 -17.20 -27.90 24.37
C PRO A 340 -17.06 -27.60 22.86
N LEU A 341 -15.91 -27.97 22.29
CA LEU A 341 -15.63 -27.75 20.89
C LEU A 341 -16.79 -28.19 19.99
N GLU A 342 -17.33 -29.38 20.28
CA GLU A 342 -18.31 -30.11 19.46
C GLU A 342 -19.64 -29.37 19.19
N VAL A 343 -20.02 -28.45 20.07
CA VAL A 343 -21.26 -27.72 19.89
C VAL A 343 -21.03 -26.32 19.27
N CYS A 344 -19.84 -26.08 18.73
CA CYS A 344 -19.40 -24.78 18.24
C CYS A 344 -19.02 -24.73 16.76
N ASN A 345 -19.51 -23.74 16.06
CA ASN A 345 -18.98 -23.40 14.74
C ASN A 345 -18.37 -22.04 14.70
N ILE A 346 -17.40 -21.88 13.82
CA ILE A 346 -16.88 -20.59 13.52
C ILE A 346 -18.01 -19.86 12.82
N VAL A 347 -18.36 -18.69 13.30
CA VAL A 347 -19.38 -17.90 12.65
C VAL A 347 -18.90 -17.36 11.30
N ALA A 348 -19.80 -17.32 10.34
CA ALA A 348 -19.45 -16.91 8.98
C ALA A 348 -19.09 -15.45 8.91
N GLY A 349 -18.23 -15.11 7.96
CA GLY A 349 -18.00 -13.71 7.60
C GLY A 349 -16.93 -13.00 8.41
N GLN A 350 -16.00 -13.77 8.96
CA GLN A 350 -14.86 -13.20 9.67
C GLN A 350 -13.63 -13.22 8.79
N ARG A 351 -13.17 -12.03 8.46
CA ARG A 351 -11.94 -11.87 7.69
C ARG A 351 -10.80 -12.37 8.51
N CYS A 352 -9.83 -12.96 7.81
CA CYS A 352 -8.60 -13.37 8.45
C CYS A 352 -7.65 -12.16 8.49
N ILE A 353 -7.36 -11.70 9.70
CA ILE A 353 -6.47 -10.54 9.90
C ILE A 353 -5.00 -10.95 9.94
N LYS A 354 -4.72 -12.15 10.43
CA LYS A 354 -3.35 -12.57 10.65
C LYS A 354 -2.67 -12.77 9.30
N LYS A 355 -1.35 -12.61 9.28
CA LYS A 355 -0.55 -12.87 8.09
C LYS A 355 -0.83 -14.27 7.59
N LEU A 356 -0.96 -14.43 6.29
CA LEU A 356 -1.08 -15.75 5.69
C LEU A 356 0.29 -16.42 5.68
N THR A 357 0.29 -17.74 5.80
CA THR A 357 1.51 -18.52 5.62
C THR A 357 2.05 -18.46 4.18
N ASP A 358 3.25 -18.98 3.99
CA ASP A 358 3.89 -19.03 2.70
C ASP A 358 3.06 -19.84 1.71
N ASN A 359 2.70 -21.06 2.07
CA ASN A 359 1.80 -21.87 1.24
C ASN A 359 0.46 -21.19 1.00
N GLN A 360 -0.17 -20.64 2.05
CA GLN A 360 -1.46 -19.97 1.88
C GLN A 360 -1.32 -18.84 0.90
N THR A 361 -0.22 -18.11 1.04
CA THR A 361 0.05 -16.98 0.19
C THR A 361 0.18 -17.44 -1.24
N SER A 362 0.97 -18.50 -1.46
CA SER A 362 1.10 -19.09 -2.79
C SER A 362 -0.24 -19.43 -3.44
N THR A 363 -1.09 -20.07 -2.64
CA THR A 363 -2.43 -20.49 -3.05
C THR A 363 -3.29 -19.31 -3.37
N MET A 364 -3.09 -18.25 -2.61
CA MET A 364 -3.87 -17.05 -2.78
C MET A 364 -3.53 -16.41 -4.10
N ILE A 365 -2.22 -16.21 -4.34
CA ILE A 365 -1.74 -15.64 -5.60
C ILE A 365 -2.37 -16.38 -6.78
N ARG A 366 -2.26 -17.71 -6.74
CA ARG A 366 -2.71 -18.62 -7.80
C ARG A 366 -4.21 -18.55 -8.05
N ALA A 367 -4.96 -18.15 -7.05
CA ALA A 367 -6.39 -18.07 -7.19
C ALA A 367 -6.84 -16.72 -7.72
N THR A 368 -5.98 -15.71 -7.68
CA THR A 368 -6.45 -14.33 -7.93
C THR A 368 -5.68 -13.60 -9.03
N ALA A 369 -4.54 -14.16 -9.44
CA ALA A 369 -3.74 -13.59 -10.50
C ALA A 369 -4.57 -13.52 -11.76
N ARG A 370 -4.61 -12.33 -12.37
CA ARG A 370 -5.39 -12.07 -13.57
C ARG A 370 -4.63 -11.12 -14.50
N SER A 371 -4.53 -11.51 -15.77
CA SER A 371 -4.09 -10.57 -16.82
C SER A 371 -4.99 -9.34 -16.87
N ALA A 372 -4.52 -8.28 -17.51
CA ALA A 372 -5.33 -7.08 -17.66
C ALA A 372 -6.66 -7.36 -18.37
N PRO A 373 -6.64 -7.98 -19.58
CA PRO A 373 -7.93 -8.28 -20.22
C PRO A 373 -8.85 -9.15 -19.33
N ASP A 374 -8.27 -10.06 -18.56
CA ASP A 374 -9.08 -10.94 -17.71
C ASP A 374 -9.65 -10.13 -16.53
N ARG A 375 -8.84 -9.23 -15.98
CA ARG A 375 -9.36 -8.38 -14.93
C ARG A 375 -10.49 -7.49 -15.45
N GLN A 376 -10.31 -6.93 -16.64
CA GLN A 376 -11.31 -6.08 -17.29
C GLN A 376 -12.59 -6.86 -17.45
N GLU A 377 -12.48 -8.05 -18.01
CA GLU A 377 -13.68 -8.87 -18.15
C GLU A 377 -14.32 -9.17 -16.78
N GLU A 378 -13.57 -9.56 -15.76
CA GLU A 378 -14.14 -9.80 -14.43
C GLU A 378 -14.90 -8.60 -13.87
N ILE A 379 -14.35 -7.41 -14.09
CA ILE A 379 -15.04 -6.23 -13.61
C ILE A 379 -16.34 -6.08 -14.37
N SER A 380 -16.28 -6.25 -15.69
CA SER A 380 -17.48 -6.12 -16.54
C SER A 380 -18.56 -7.12 -16.18
N LYS A 381 -18.15 -8.38 -16.10
CA LYS A 381 -19.03 -9.40 -15.62
C LYS A 381 -19.65 -8.96 -14.30
N LEU A 382 -18.82 -8.57 -13.34
CA LEU A 382 -19.36 -8.24 -12.04
C LEU A 382 -20.42 -7.14 -12.09
N MET A 383 -20.31 -6.19 -13.02
CA MET A 383 -21.25 -5.07 -13.03
C MET A 383 -22.64 -5.43 -13.55
N ARG A 384 -22.67 -6.15 -14.66
CA ARG A 384 -23.89 -6.71 -15.18
C ARG A 384 -24.54 -7.60 -14.12
N SER A 385 -23.72 -8.38 -13.45
CA SER A 385 -24.19 -9.27 -12.40
C SER A 385 -24.80 -8.49 -11.24
N ALA A 386 -24.11 -7.42 -10.87
CA ALA A 386 -24.50 -6.59 -9.72
C ALA A 386 -25.81 -5.90 -9.97
N ASP A 387 -25.93 -5.34 -11.16
CA ASP A 387 -27.18 -4.71 -11.58
C ASP A 387 -27.60 -3.69 -10.53
N PHE A 388 -26.79 -2.64 -10.41
CA PHE A 388 -27.03 -1.59 -9.42
C PHE A 388 -28.34 -0.88 -9.63
N ASN A 389 -28.87 -1.00 -10.84
CA ASN A 389 -30.07 -0.30 -11.17
C ASN A 389 -31.33 -0.97 -10.62
N THR A 390 -31.22 -2.24 -10.25
CA THR A 390 -32.34 -2.96 -9.63
C THR A 390 -32.31 -2.81 -8.09
N ASP A 391 -31.20 -2.32 -7.55
CA ASP A 391 -31.09 -2.00 -6.11
C ASP A 391 -32.24 -1.04 -5.73
N PRO A 392 -33.17 -1.50 -4.86
CA PRO A 392 -34.37 -0.67 -4.62
C PRO A 392 -34.03 0.67 -3.98
N TYR A 393 -32.98 0.73 -3.15
CA TYR A 393 -32.54 1.98 -2.56
C TYR A 393 -31.90 2.96 -3.56
N VAL A 394 -31.12 2.44 -4.50
CA VAL A 394 -30.61 3.29 -5.58
C VAL A 394 -31.80 3.82 -6.33
N ARG A 395 -32.74 2.94 -6.55
CA ARG A 395 -33.89 3.29 -7.34
C ARG A 395 -34.75 4.33 -6.61
N GLU A 396 -34.86 4.20 -5.29
CA GLU A 396 -35.49 5.23 -4.50
C GLU A 396 -34.95 6.61 -4.85
N PHE A 397 -33.63 6.74 -4.97
CA PHE A 397 -33.05 8.05 -5.22
C PHE A 397 -32.88 8.33 -6.72
N GLY A 398 -33.55 7.55 -7.55
CA GLY A 398 -33.63 7.82 -8.99
C GLY A 398 -32.30 7.85 -9.73
N ILE A 399 -31.34 7.15 -9.16
CA ILE A 399 -29.98 7.10 -9.68
C ILE A 399 -29.94 5.99 -10.70
N MET A 400 -29.39 6.27 -11.89
CA MET A 400 -29.05 5.23 -12.86
C MET A 400 -27.51 5.00 -12.91
N VAL A 401 -27.09 3.73 -13.01
CA VAL A 401 -25.69 3.41 -13.23
C VAL A 401 -25.49 2.66 -14.56
N LYS A 402 -24.58 3.18 -15.37
CA LYS A 402 -24.22 2.58 -16.63
C LYS A 402 -23.52 1.24 -16.40
N ASP A 403 -23.85 0.26 -17.23
CA ASP A 403 -23.33 -1.08 -17.01
C ASP A 403 -22.10 -1.34 -17.86
N GLU A 404 -21.49 -0.29 -18.45
CA GLU A 404 -20.23 -0.47 -19.16
C GLU A 404 -19.19 0.59 -18.86
N MET A 405 -17.93 0.13 -18.83
CA MET A 405 -16.77 0.99 -18.52
C MET A 405 -16.77 2.28 -19.33
N THR A 406 -16.28 3.34 -18.71
CA THR A 406 -16.21 4.59 -19.39
C THR A 406 -15.05 4.58 -20.38
N ASP A 407 -15.34 5.08 -21.57
CA ASP A 407 -14.33 5.27 -22.59
C ASP A 407 -13.54 6.50 -22.23
N VAL A 408 -12.23 6.43 -22.32
CA VAL A 408 -11.42 7.63 -22.17
C VAL A 408 -10.26 7.59 -23.12
N THR A 409 -9.83 8.77 -23.51
CA THR A 409 -8.71 8.89 -24.39
C THR A 409 -7.49 9.22 -23.59
N GLY A 410 -6.43 8.49 -23.90
CA GLY A 410 -5.15 8.67 -23.26
C GLY A 410 -4.17 9.16 -24.29
N ARG A 411 -3.03 9.65 -23.81
CA ARG A 411 -1.88 9.90 -24.66
C ARG A 411 -0.68 9.09 -24.19
N VAL A 412 0.09 8.59 -25.13
CA VAL A 412 1.31 7.90 -24.81
C VAL A 412 2.52 8.80 -25.05
N LEU A 413 3.03 9.33 -23.94
CA LEU A 413 4.18 10.19 -23.97
C LEU A 413 5.39 9.44 -24.48
N GLN A 414 6.23 10.21 -25.16
CA GLN A 414 7.50 9.78 -25.70
C GLN A 414 8.49 9.64 -24.51
N PRO A 415 9.30 8.57 -24.53
CA PRO A 415 10.29 8.46 -23.46
C PRO A 415 11.41 9.42 -23.67
N PRO A 416 12.14 9.79 -22.61
CA PRO A 416 13.38 10.51 -22.85
C PRO A 416 14.43 9.57 -23.45
N SER A 417 15.43 10.14 -24.08
CA SER A 417 16.61 9.41 -24.42
C SER A 417 17.57 9.45 -23.21
N ILE A 418 18.38 8.42 -23.05
CA ILE A 418 19.22 8.26 -21.88
C ILE A 418 20.66 8.32 -22.32
N LEU A 419 21.41 9.27 -21.78
CA LEU A 419 22.80 9.47 -22.14
C LEU A 419 23.75 8.68 -21.23
N TYR A 420 24.55 7.84 -21.86
CA TYR A 420 25.60 7.12 -21.19
C TYR A 420 26.94 7.87 -21.42
N GLY A 421 28.03 7.27 -20.96
CA GLY A 421 29.30 7.95 -20.93
C GLY A 421 30.36 7.19 -21.69
N GLY A 422 31.56 7.17 -21.12
CA GLY A 422 32.69 6.53 -21.75
C GLY A 422 33.13 7.32 -22.96
N ARG A 423 33.93 6.68 -23.80
CA ARG A 423 34.34 7.24 -25.08
C ARG A 423 33.10 7.57 -25.91
N ASN A 424 32.32 6.53 -26.19
CA ASN A 424 31.18 6.56 -27.09
C ASN A 424 30.11 7.55 -26.66
N LYS A 425 29.88 7.66 -25.34
CA LYS A 425 28.75 8.43 -24.80
C LYS A 425 27.43 8.01 -25.47
N ALA A 426 27.18 6.71 -25.46
CA ALA A 426 26.04 6.12 -26.11
C ALA A 426 24.69 6.66 -25.60
N ILE A 427 23.71 6.64 -26.51
CA ILE A 427 22.35 7.07 -26.23
C ILE A 427 21.47 5.84 -26.32
N ALA A 428 20.67 5.65 -25.29
CA ALA A 428 19.76 4.52 -25.22
C ALA A 428 18.35 5.06 -25.43
N THR A 429 17.57 4.40 -26.28
CA THR A 429 16.23 4.85 -26.59
C THR A 429 15.26 3.82 -25.99
N PRO A 430 14.53 4.21 -24.93
CA PRO A 430 13.50 3.33 -24.36
C PRO A 430 12.44 2.91 -25.37
N VAL A 431 12.04 1.65 -25.34
CA VAL A 431 10.91 1.14 -26.13
C VAL A 431 10.06 0.34 -25.19
N GLN A 432 8.78 0.66 -25.13
CA GLN A 432 7.83 0.03 -24.22
C GLN A 432 8.39 -0.08 -22.79
N GLY A 433 9.05 0.99 -22.37
CA GLY A 433 9.38 1.20 -20.99
C GLY A 433 10.65 0.50 -20.52
N VAL A 434 11.43 0.02 -21.48
CA VAL A 434 12.64 -0.71 -21.23
C VAL A 434 13.74 -0.31 -22.18
N TRP A 435 14.96 -0.28 -21.66
CA TRP A 435 16.16 -0.20 -22.48
C TRP A 435 17.25 -1.09 -21.86
N ASP A 436 18.47 -1.01 -22.38
CA ASP A 436 19.55 -1.85 -21.86
C ASP A 436 20.86 -1.15 -22.05
N MET A 437 21.87 -1.70 -21.40
CA MET A 437 23.17 -1.09 -21.32
C MET A 437 24.22 -1.72 -22.22
N ARG A 438 23.81 -2.72 -23.01
CA ARG A 438 24.73 -3.43 -23.88
C ARG A 438 25.42 -2.42 -24.77
N ASN A 439 26.75 -2.47 -24.73
CA ASN A 439 27.65 -1.55 -25.45
C ASN A 439 27.66 -0.14 -24.95
N LYS A 440 27.41 0.02 -23.66
CA LYS A 440 27.34 1.34 -23.05
C LYS A 440 28.08 1.28 -21.76
N GLN A 441 28.74 2.39 -21.44
CA GLN A 441 29.49 2.55 -20.21
C GLN A 441 28.85 3.68 -19.41
N PHE A 442 28.92 3.60 -18.08
CA PHE A 442 28.29 4.59 -17.22
C PHE A 442 28.68 6.03 -17.59
N HIS A 443 27.79 6.98 -17.29
CA HIS A 443 28.11 8.39 -17.45
C HIS A 443 29.36 8.71 -16.66
N THR A 444 29.32 8.44 -15.35
CA THR A 444 30.53 8.53 -14.54
C THR A 444 30.69 7.20 -13.82
N GLY A 445 31.66 6.42 -14.29
CA GLY A 445 31.96 5.13 -13.70
C GLY A 445 33.06 5.19 -12.65
N ILE A 446 32.90 4.39 -11.60
CA ILE A 446 33.87 4.36 -10.51
C ILE A 446 34.95 3.31 -10.78
N GLU A 447 36.18 3.73 -10.62
CA GLU A 447 37.33 2.85 -10.68
C GLU A 447 37.49 2.18 -9.31
N ILE A 448 37.32 0.87 -9.23
CA ILE A 448 37.40 0.18 -7.94
C ILE A 448 38.84 -0.40 -7.76
N LYS A 449 39.63 0.25 -6.92
CA LYS A 449 41.01 -0.21 -6.67
C LYS A 449 41.12 -1.15 -5.48
N VAL A 450 40.27 -0.94 -4.47
CA VAL A 450 40.43 -1.60 -3.19
C VAL A 450 39.09 -2.09 -2.72
N TRP A 451 38.91 -3.40 -2.75
CA TRP A 451 37.65 -3.99 -2.32
C TRP A 451 37.86 -5.33 -1.63
N ALA A 452 36.94 -5.68 -0.76
CA ALA A 452 37.02 -6.91 -0.02
C ALA A 452 35.80 -7.77 -0.24
N ILE A 453 35.94 -9.06 0.03
CA ILE A 453 34.85 -10.01 0.08
C ILE A 453 34.72 -10.70 1.43
N ALA A 454 33.53 -10.65 2.02
CA ALA A 454 33.21 -11.47 3.18
C ALA A 454 32.15 -12.46 2.80
N CYS A 455 32.46 -13.72 2.99
CA CYS A 455 31.53 -14.77 2.64
C CYS A 455 30.98 -15.45 3.86
N PHE A 456 29.72 -15.14 4.15
CA PHE A 456 29.03 -15.70 5.31
C PHE A 456 28.32 -17.02 4.96
N ALA A 457 28.34 -17.39 3.69
CA ALA A 457 27.78 -18.69 3.30
C ALA A 457 28.79 -19.78 3.63
N PRO A 458 28.34 -21.01 3.94
CA PRO A 458 29.35 -22.01 4.31
C PRO A 458 30.24 -22.42 3.12
N GLN A 459 31.52 -22.56 3.42
CA GLN A 459 32.53 -22.91 2.43
C GLN A 459 32.22 -24.15 1.60
N ARG A 460 31.68 -25.17 2.24
CA ARG A 460 31.30 -26.40 1.56
C ARG A 460 30.19 -26.15 0.52
N GLN A 461 29.41 -25.06 0.66
CA GLN A 461 28.36 -24.76 -0.34
C GLN A 461 28.82 -23.68 -1.30
N CYS A 462 29.54 -22.68 -0.78
CA CYS A 462 30.00 -21.60 -1.63
C CYS A 462 31.52 -21.57 -1.60
N THR A 463 32.12 -22.35 -2.51
CA THR A 463 33.54 -22.71 -2.44
C THR A 463 34.42 -21.59 -2.98
N GLU A 464 35.73 -21.72 -2.74
CA GLU A 464 36.66 -20.73 -3.22
C GLU A 464 36.61 -20.70 -4.77
N VAL A 465 36.18 -21.81 -5.38
CA VAL A 465 36.08 -21.89 -6.84
C VAL A 465 34.89 -21.05 -7.28
N HIS A 466 33.75 -21.18 -6.59
CA HIS A 466 32.59 -20.28 -6.84
C HIS A 466 32.98 -18.82 -6.71
N LEU A 467 33.73 -18.50 -5.66
CA LEU A 467 34.07 -17.10 -5.41
C LEU A 467 35.00 -16.55 -6.48
N LYS A 468 35.94 -17.37 -6.96
CA LYS A 468 36.85 -16.92 -8.02
C LYS A 468 36.09 -16.69 -9.33
N SER A 469 35.15 -17.57 -9.67
CA SER A 469 34.47 -17.44 -10.94
C SER A 469 33.57 -16.25 -10.90
N PHE A 470 32.88 -16.11 -9.78
CA PHE A 470 32.04 -14.96 -9.57
C PHE A 470 32.85 -13.70 -9.70
N THR A 471 34.05 -13.73 -9.11
CA THR A 471 34.89 -12.55 -9.16
C THR A 471 35.30 -12.21 -10.60
N GLU A 472 35.72 -13.23 -11.33
CA GLU A 472 36.11 -13.11 -12.72
C GLU A 472 34.93 -12.60 -13.62
N GLN A 473 33.75 -13.19 -13.46
CA GLN A 473 32.57 -12.75 -14.20
C GLN A 473 32.19 -11.31 -13.81
N LEU A 474 32.22 -10.98 -12.52
CA LEU A 474 31.81 -9.63 -12.10
C LEU A 474 32.71 -8.55 -12.72
N ARG A 475 34.01 -8.85 -12.82
CA ARG A 475 35.01 -7.89 -13.27
C ARG A 475 34.91 -7.66 -14.76
N LYS A 476 34.55 -8.72 -15.48
CA LYS A 476 34.26 -8.65 -16.89
C LYS A 476 33.09 -7.68 -17.13
N ILE A 477 31.95 -8.01 -16.56
CA ILE A 477 30.78 -7.17 -16.69
C ILE A 477 31.07 -5.75 -16.25
N SER A 478 31.76 -5.58 -15.11
CA SER A 478 32.00 -4.26 -14.56
C SER A 478 32.88 -3.43 -15.50
N ARG A 479 33.78 -4.10 -16.21
CA ARG A 479 34.62 -3.44 -17.20
C ARG A 479 33.81 -3.01 -18.42
N ASP A 480 32.91 -3.86 -18.91
CA ASP A 480 32.10 -3.51 -20.06
C ASP A 480 31.22 -2.31 -19.67
N ALA A 481 30.91 -2.25 -18.38
CA ALA A 481 30.03 -1.23 -17.82
C ALA A 481 30.76 0.10 -17.63
N GLY A 482 32.09 0.08 -17.72
CA GLY A 482 32.89 1.24 -17.41
C GLY A 482 33.09 1.52 -15.92
N MET A 483 33.04 0.47 -15.11
CA MET A 483 33.33 0.53 -13.66
C MET A 483 34.41 -0.51 -13.39
N PRO A 484 35.61 -0.24 -13.88
CA PRO A 484 36.67 -1.26 -13.85
C PRO A 484 37.06 -1.68 -12.44
N ILE A 485 36.83 -2.95 -12.13
CA ILE A 485 37.32 -3.55 -10.90
C ILE A 485 38.73 -3.99 -11.20
N GLN A 486 39.66 -3.16 -10.77
CA GLN A 486 41.01 -3.14 -11.30
C GLN A 486 41.83 -4.37 -10.99
N GLY A 487 41.48 -5.09 -9.93
CA GLY A 487 42.17 -6.33 -9.68
C GLY A 487 41.40 -7.23 -8.76
N GLN A 488 42.14 -8.07 -8.04
CA GLN A 488 41.54 -9.01 -7.12
C GLN A 488 41.23 -8.32 -5.77
N PRO A 489 40.32 -8.90 -5.00
CA PRO A 489 40.02 -8.27 -3.72
C PRO A 489 41.24 -8.28 -2.83
N CYS A 490 41.40 -7.24 -2.00
CA CYS A 490 42.51 -7.18 -1.03
C CYS A 490 42.31 -8.11 0.17
N PHE A 491 41.15 -8.76 0.27
CA PHE A 491 40.79 -9.53 1.46
C PHE A 491 39.63 -10.39 1.03
N CYS A 492 39.70 -11.68 1.23
CA CYS A 492 38.59 -12.60 0.98
C CYS A 492 38.62 -13.67 2.03
N LYS A 493 37.61 -13.72 2.90
CA LYS A 493 37.57 -14.65 4.03
C LYS A 493 36.14 -15.14 4.31
N TYR A 494 36.01 -16.40 4.74
CA TYR A 494 34.74 -16.94 5.26
C TYR A 494 34.47 -16.49 6.71
N ALA A 495 33.20 -16.31 7.05
CA ALA A 495 32.86 -16.14 8.45
C ALA A 495 31.47 -16.70 8.68
N GLN A 496 31.16 -16.88 9.95
CA GLN A 496 29.87 -17.38 10.36
C GLN A 496 29.29 -16.53 11.48
N GLY A 497 28.03 -16.19 11.33
CA GLY A 497 27.27 -15.57 12.41
C GLY A 497 27.34 -14.10 12.46
N ALA A 498 26.29 -13.51 13.04
CA ALA A 498 26.21 -12.07 13.21
C ALA A 498 27.35 -11.48 14.06
N ASP A 499 27.83 -12.23 15.07
CA ASP A 499 28.92 -11.77 15.95
C ASP A 499 30.20 -11.44 15.20
N SER A 500 30.46 -12.14 14.10
CA SER A 500 31.74 -12.00 13.41
C SER A 500 31.79 -10.74 12.51
N VAL A 501 30.65 -10.07 12.34
CA VAL A 501 30.55 -8.97 11.34
C VAL A 501 31.33 -7.74 11.75
N GLU A 502 31.02 -7.24 12.95
CA GLU A 502 31.60 -5.98 13.37
C GLU A 502 33.10 -6.11 13.51
N PRO A 503 33.59 -7.23 14.09
CA PRO A 503 35.04 -7.23 14.18
C PRO A 503 35.71 -7.34 12.82
N MET A 504 35.09 -8.09 11.92
CA MET A 504 35.66 -8.17 10.58
C MET A 504 35.70 -6.81 9.95
N PHE A 505 34.61 -6.05 10.06
CA PHE A 505 34.53 -4.79 9.36
C PHE A 505 35.45 -3.75 9.98
N ARG A 506 35.51 -3.72 11.32
CA ARG A 506 36.51 -2.89 12.02
C ARG A 506 37.90 -3.28 11.55
N HIS A 507 38.20 -4.57 11.51
CA HIS A 507 39.46 -4.98 10.95
C HIS A 507 39.66 -4.34 9.58
N LEU A 508 38.67 -4.50 8.69
CA LEU A 508 38.83 -4.08 7.30
C LEU A 508 39.05 -2.58 7.25
N LYS A 509 38.27 -1.84 8.02
CA LYS A 509 38.35 -0.38 7.94
C LYS A 509 39.72 0.08 8.40
N ASN A 510 40.21 -0.51 9.49
CA ASN A 510 41.54 -0.13 10.04
C ASN A 510 42.69 -0.55 9.16
N THR A 511 42.58 -1.69 8.49
CA THR A 511 43.71 -2.27 7.80
C THR A 511 43.94 -1.75 6.38
N TYR A 512 42.86 -1.55 5.62
CA TYR A 512 42.98 -1.30 4.18
C TYR A 512 42.59 0.11 3.78
N ALA A 513 43.63 0.94 3.61
CA ALA A 513 43.46 2.34 3.30
C ALA A 513 42.84 2.44 1.93
N GLY A 514 41.79 3.26 1.81
CA GLY A 514 41.15 3.49 0.52
C GLY A 514 40.15 2.44 0.12
N LEU A 515 39.73 1.61 1.08
CA LEU A 515 38.72 0.59 0.83
C LEU A 515 37.42 1.20 0.31
N GLN A 516 36.95 0.69 -0.82
CA GLN A 516 35.79 1.29 -1.46
C GLN A 516 34.54 0.45 -1.25
N LEU A 517 34.71 -0.85 -1.05
CA LEU A 517 33.57 -1.75 -1.03
C LEU A 517 33.89 -3.02 -0.29
N VAL A 518 32.91 -3.48 0.47
CA VAL A 518 32.90 -4.85 0.96
C VAL A 518 31.76 -5.59 0.29
N VAL A 519 32.10 -6.65 -0.42
CA VAL A 519 31.07 -7.50 -1.02
C VAL A 519 30.78 -8.66 -0.09
N VAL A 520 29.50 -8.85 0.23
CA VAL A 520 29.03 -9.76 1.28
C VAL A 520 28.13 -10.84 0.74
N ILE A 521 28.60 -12.08 0.81
CA ILE A 521 27.88 -13.20 0.29
C ILE A 521 27.11 -13.81 1.44
N LEU A 522 25.82 -14.04 1.23
CA LEU A 522 24.92 -14.49 2.27
C LEU A 522 24.29 -15.82 1.85
N PRO A 523 24.10 -16.72 2.80
CA PRO A 523 23.56 -18.04 2.44
C PRO A 523 22.05 -18.03 2.06
N GLY A 524 21.43 -16.88 2.14
CA GLY A 524 20.03 -16.75 1.85
C GLY A 524 19.51 -15.88 2.95
N LYS A 525 18.28 -16.13 3.37
CA LYS A 525 17.68 -15.36 4.44
C LYS A 525 18.45 -15.53 5.77
N THR A 526 18.90 -14.44 6.33
CA THR A 526 19.68 -14.55 7.56
C THR A 526 19.74 -13.25 8.32
N PRO A 527 19.74 -13.33 9.66
CA PRO A 527 19.87 -12.13 10.49
C PRO A 527 21.19 -11.38 10.22
N VAL A 528 22.12 -12.06 9.57
CA VAL A 528 23.40 -11.43 9.24
C VAL A 528 23.21 -10.25 8.32
N TYR A 529 22.27 -10.33 7.37
CA TYR A 529 22.05 -9.20 6.47
C TYR A 529 21.79 -7.93 7.30
N ALA A 530 20.86 -7.97 8.24
CA ALA A 530 20.54 -6.74 9.01
C ALA A 530 21.74 -6.29 9.82
N GLU A 531 22.58 -7.23 10.29
CA GLU A 531 23.77 -6.84 11.06
C GLU A 531 24.85 -6.18 10.16
N VAL A 532 25.04 -6.68 8.95
CA VAL A 532 25.92 -6.02 7.96
C VAL A 532 25.53 -4.53 7.74
N LYS A 533 24.24 -4.27 7.55
CA LYS A 533 23.73 -2.91 7.32
C LYS A 533 23.75 -2.05 8.56
N ARG A 534 23.51 -2.63 9.73
CA ARG A 534 23.73 -1.87 10.99
C ARG A 534 25.15 -1.31 11.04
N VAL A 535 26.09 -2.21 10.82
CA VAL A 535 27.52 -1.90 11.03
C VAL A 535 28.00 -1.02 9.86
N GLY A 536 27.72 -1.45 8.63
CA GLY A 536 28.11 -0.74 7.43
C GLY A 536 27.47 0.63 7.41
N ASP A 537 26.14 0.69 7.62
CA ASP A 537 25.44 1.95 7.34
C ASP A 537 25.54 2.95 8.48
N THR A 538 25.51 2.44 9.72
CA THR A 538 25.31 3.32 10.90
C THR A 538 26.46 3.30 11.90
N VAL A 539 27.21 2.21 12.00
CA VAL A 539 28.30 2.14 12.97
C VAL A 539 29.63 2.53 12.40
N LEU A 540 29.99 2.00 11.23
CA LEU A 540 31.32 2.24 10.67
C LEU A 540 31.34 3.09 9.40
N GLY A 541 30.21 3.20 8.69
CA GLY A 541 30.12 4.06 7.53
C GLY A 541 30.94 3.47 6.38
N MET A 542 30.65 2.22 6.04
CA MET A 542 31.36 1.50 4.98
C MET A 542 30.39 0.97 3.94
N ALA A 543 30.71 1.19 2.67
CA ALA A 543 29.88 0.63 1.57
C ALA A 543 29.91 -0.89 1.53
N THR A 544 28.72 -1.47 1.54
CA THR A 544 28.52 -2.87 1.36
C THR A 544 27.54 -3.22 0.23
N GLN A 545 27.86 -4.32 -0.43
CA GLN A 545 26.96 -4.91 -1.39
C GLN A 545 26.82 -6.36 -1.08
N CYS A 546 25.63 -6.74 -0.64
CA CYS A 546 25.32 -8.14 -0.37
C CYS A 546 24.82 -8.83 -1.59
N VAL A 547 25.11 -10.12 -1.67
CA VAL A 547 24.74 -10.97 -2.80
C VAL A 547 24.37 -12.32 -2.23
N GLN A 548 23.26 -12.85 -2.68
CA GLN A 548 22.86 -14.16 -2.28
C GLN A 548 23.74 -15.24 -2.89
N MET A 549 23.95 -16.32 -2.16
CA MET A 549 24.88 -17.35 -2.50
C MET A 549 24.53 -17.95 -3.84
N LYS A 550 23.27 -18.24 -4.08
CA LYS A 550 22.83 -18.80 -5.37
C LYS A 550 23.24 -17.93 -6.60
N ASN A 551 23.34 -16.62 -6.39
CA ASN A 551 23.76 -15.71 -7.45
C ASN A 551 25.25 -15.53 -7.53
N VAL A 552 25.96 -16.30 -6.71
CA VAL A 552 27.41 -16.36 -6.78
C VAL A 552 27.76 -17.69 -7.41
N GLN A 553 27.03 -18.72 -7.00
CA GLN A 553 27.24 -20.05 -7.53
C GLN A 553 26.92 -20.12 -9.00
N ARG A 554 25.84 -19.45 -9.40
CA ARG A 554 25.41 -19.44 -10.79
C ARG A 554 25.17 -18.02 -11.21
N THR A 555 26.07 -17.47 -12.01
CA THR A 555 25.91 -16.09 -12.41
C THR A 555 25.28 -15.97 -13.82
N THR A 556 24.70 -14.82 -14.11
CA THR A 556 24.26 -14.46 -15.45
C THR A 556 24.65 -13.01 -15.72
N PRO A 557 24.76 -12.63 -17.01
CA PRO A 557 25.12 -11.26 -17.34
C PRO A 557 24.16 -10.22 -16.79
N GLN A 558 22.86 -10.52 -16.82
CA GLN A 558 21.86 -9.54 -16.40
C GLN A 558 21.87 -9.34 -14.91
N THR A 559 21.92 -10.41 -14.13
CA THR A 559 22.08 -10.24 -12.68
C THR A 559 23.38 -9.49 -12.39
N LEU A 560 24.51 -9.89 -12.96
CA LEU A 560 25.75 -9.19 -12.68
C LEU A 560 25.69 -7.73 -13.10
N SER A 561 25.11 -7.47 -14.27
CA SER A 561 24.99 -6.09 -14.73
C SER A 561 24.12 -5.27 -13.77
N ASN A 562 23.01 -5.84 -13.31
CA ASN A 562 22.19 -5.10 -12.36
C ASN A 562 22.96 -4.88 -11.06
N LEU A 563 23.82 -5.83 -10.65
CA LEU A 563 24.63 -5.69 -9.44
C LEU A 563 25.53 -4.46 -9.59
N CYS A 564 26.17 -4.33 -10.73
CA CYS A 564 27.06 -3.19 -11.02
C CYS A 564 26.36 -1.86 -10.96
N LEU A 565 25.10 -1.79 -11.36
CA LEU A 565 24.34 -0.55 -11.28
C LEU A 565 24.26 -0.07 -9.85
N LYS A 566 24.03 -1.01 -8.95
CA LYS A 566 23.99 -0.67 -7.50
C LYS A 566 25.36 -0.30 -6.94
N ILE A 567 26.41 -1.02 -7.36
CA ILE A 567 27.76 -0.76 -6.85
C ILE A 567 28.29 0.59 -7.29
N ASN A 568 28.20 0.87 -8.58
CA ASN A 568 28.58 2.17 -9.11
C ASN A 568 27.89 3.26 -8.33
N VAL A 569 26.60 3.08 -8.06
CA VAL A 569 25.83 4.11 -7.37
C VAL A 569 26.34 4.23 -5.93
N LYS A 570 26.43 3.11 -5.21
CA LYS A 570 26.89 3.13 -3.84
C LYS A 570 28.24 3.84 -3.69
N LEU A 571 29.08 3.76 -4.72
CA LEU A 571 30.41 4.33 -4.66
C LEU A 571 30.49 5.74 -5.27
N GLY A 572 29.35 6.39 -5.45
CA GLY A 572 29.32 7.76 -5.93
C GLY A 572 29.26 8.02 -7.44
N GLY A 573 29.09 6.98 -8.25
CA GLY A 573 29.09 7.08 -9.71
C GLY A 573 27.79 7.64 -10.26
N VAL A 574 27.78 8.02 -11.54
CA VAL A 574 26.53 8.42 -12.25
C VAL A 574 26.24 7.39 -13.35
N ASN A 575 25.22 6.59 -13.16
CA ASN A 575 25.02 5.49 -14.09
C ASN A 575 24.72 6.01 -15.49
N ASN A 576 23.78 6.96 -15.57
CA ASN A 576 23.37 7.56 -16.83
C ASN A 576 22.60 8.82 -16.48
N ILE A 577 22.27 9.62 -17.48
CA ILE A 577 21.54 10.86 -17.26
C ILE A 577 20.55 11.06 -18.39
N LEU A 578 19.53 11.86 -18.08
CA LEU A 578 18.54 12.29 -19.03
C LEU A 578 19.28 13.09 -20.10
N LEU A 579 18.96 12.84 -21.36
CA LEU A 579 19.57 13.63 -22.44
C LEU A 579 19.31 15.07 -22.05
N PRO A 580 20.39 15.86 -21.84
CA PRO A 580 20.19 17.21 -21.33
C PRO A 580 19.20 18.02 -22.18
N GLN A 581 19.41 18.07 -23.49
CA GLN A 581 18.64 18.99 -24.34
C GLN A 581 17.20 18.52 -24.50
N GLY A 582 16.91 17.30 -24.06
CA GLY A 582 15.58 16.75 -24.12
C GLY A 582 14.78 16.97 -22.88
N ARG A 583 15.37 17.61 -21.87
CA ARG A 583 14.65 17.90 -20.60
C ARG A 583 13.65 19.07 -20.68
N PRO A 584 12.58 19.02 -19.89
CA PRO A 584 11.73 20.21 -19.87
C PRO A 584 12.44 21.48 -19.33
N PRO A 585 11.83 22.64 -19.56
CA PRO A 585 12.45 23.95 -19.35
C PRO A 585 12.81 24.26 -17.93
N VAL A 586 12.15 23.59 -17.00
CA VAL A 586 12.32 23.85 -15.59
C VAL A 586 13.79 23.68 -15.20
N PHE A 587 14.54 22.89 -15.98
CA PHE A 587 15.95 22.65 -15.70
C PHE A 587 16.89 23.79 -16.07
N GLN A 588 16.39 24.81 -16.75
CA GLN A 588 17.21 26.00 -17.06
C GLN A 588 17.61 26.81 -15.81
N GLN A 589 17.01 26.48 -14.68
CA GLN A 589 17.31 27.15 -13.43
C GLN A 589 17.48 26.10 -12.36
N PRO A 590 18.39 26.35 -11.39
CA PRO A 590 18.54 25.36 -10.32
C PRO A 590 17.19 24.95 -9.75
N VAL A 591 17.01 23.64 -9.67
CA VAL A 591 15.80 23.07 -9.13
C VAL A 591 16.21 21.80 -8.35
N ILE A 592 15.57 21.57 -7.22
CA ILE A 592 15.83 20.37 -6.42
C ILE A 592 14.59 19.51 -6.45
N PHE A 593 14.76 18.22 -6.67
CA PHE A 593 13.65 17.27 -6.66
C PHE A 593 13.65 16.48 -5.37
N LEU A 594 12.56 16.57 -4.61
CA LEU A 594 12.38 15.88 -3.33
C LEU A 594 11.43 14.75 -3.51
N GLY A 595 11.73 13.63 -2.85
CA GLY A 595 10.77 12.57 -2.67
C GLY A 595 10.57 12.26 -1.21
N ALA A 596 9.34 11.94 -0.85
CA ALA A 596 8.91 11.78 0.53
C ALA A 596 7.92 10.66 0.70
N ASP A 597 8.17 9.83 1.69
CA ASP A 597 7.23 8.75 2.05
C ASP A 597 7.23 8.48 3.53
N VAL A 598 6.06 8.01 4.01
CA VAL A 598 5.93 7.43 5.31
C VAL A 598 5.51 5.99 5.10
N THR A 599 6.10 5.09 5.90
CA THR A 599 5.79 3.69 5.89
C THR A 599 5.36 3.34 7.28
N HIS A 600 4.23 2.66 7.37
CA HIS A 600 3.60 2.37 8.61
C HIS A 600 3.77 0.92 8.98
N PRO A 601 3.67 0.64 10.31
CA PRO A 601 3.79 -0.72 10.83
C PRO A 601 2.75 -1.64 10.21
N PRO A 602 3.04 -2.95 10.14
CA PRO A 602 2.13 -3.98 9.63
C PRO A 602 0.78 -4.01 10.34
N ALA A 603 -0.15 -4.76 9.74
CA ALA A 603 -1.44 -5.03 10.35
C ALA A 603 -1.24 -5.57 11.75
N GLY A 604 -2.09 -5.15 12.67
CA GLY A 604 -2.13 -5.71 14.00
C GLY A 604 -1.10 -5.13 14.97
N ASP A 605 -0.24 -4.28 14.44
CA ASP A 605 0.82 -3.70 15.25
C ASP A 605 0.26 -2.58 16.13
N GLY A 606 0.98 -2.28 17.22
CA GLY A 606 0.49 -1.36 18.23
C GLY A 606 1.43 -0.26 18.65
N LYS A 607 2.73 -0.44 18.47
CA LYS A 607 3.72 0.44 19.10
C LYS A 607 4.89 0.73 18.19
N LYS A 608 5.01 0.02 17.08
CA LYS A 608 6.13 0.28 16.22
C LYS A 608 6.00 1.70 15.70
N PRO A 609 7.12 2.38 15.50
CA PRO A 609 7.00 3.73 14.95
C PRO A 609 6.59 3.69 13.48
N SER A 610 5.98 4.75 12.97
CA SER A 610 6.01 4.93 11.51
C SER A 610 7.35 5.61 11.13
N ILE A 611 7.76 5.39 9.88
CA ILE A 611 9.03 5.88 9.38
C ILE A 611 8.83 6.83 8.21
N ALA A 612 9.32 8.07 8.39
CA ALA A 612 9.35 9.08 7.35
C ALA A 612 10.72 9.15 6.69
N ALA A 613 10.72 9.22 5.36
CA ALA A 613 11.96 9.40 4.60
C ALA A 613 11.79 10.45 3.52
N VAL A 614 12.82 11.31 3.39
CA VAL A 614 12.87 12.35 2.38
C VAL A 614 14.23 12.38 1.71
N VAL A 615 14.22 12.32 0.37
CA VAL A 615 15.46 12.33 -0.39
C VAL A 615 15.44 13.53 -1.27
N GLY A 616 16.63 13.97 -1.64
CA GLY A 616 16.75 15.17 -2.45
C GLY A 616 17.82 15.04 -3.50
N SER A 617 17.51 15.50 -4.72
CA SER A 617 18.50 15.48 -5.79
C SER A 617 19.67 16.40 -5.44
N MET A 618 20.84 16.07 -5.99
CA MET A 618 22.07 16.74 -5.65
C MET A 618 22.89 17.15 -6.85
N ASP A 619 22.27 17.13 -8.02
CA ASP A 619 22.91 17.59 -9.24
C ASP A 619 21.82 18.02 -10.21
N ALA A 620 22.24 18.49 -11.38
CA ALA A 620 21.28 19.02 -12.36
C ALA A 620 20.78 17.99 -13.37
N HIS A 621 21.18 16.72 -13.25
CA HIS A 621 20.91 15.74 -14.32
C HIS A 621 19.43 15.34 -14.52
N PRO A 622 18.70 14.99 -13.43
CA PRO A 622 19.09 14.84 -12.04
C PRO A 622 19.34 13.38 -11.72
N ASN A 623 20.44 13.07 -11.03
CA ASN A 623 20.77 11.67 -10.86
C ASN A 623 21.11 11.30 -9.45
N ARG A 624 22.09 11.99 -8.84
CA ARG A 624 22.44 11.72 -7.44
C ARG A 624 21.45 12.31 -6.44
N TYR A 625 21.12 11.48 -5.45
CA TYR A 625 20.30 11.82 -4.30
C TYR A 625 21.00 11.61 -2.94
N CYS A 626 20.57 12.37 -1.93
CA CYS A 626 20.92 12.16 -0.52
C CYS A 626 19.64 11.93 0.27
N ALA A 627 19.72 11.37 1.47
CA ALA A 627 18.54 10.91 2.15
C ALA A 627 18.47 11.45 3.53
N THR A 628 17.23 11.61 4.00
CA THR A 628 16.96 11.86 5.41
C THR A 628 15.87 10.93 5.86
N VAL A 629 15.91 10.61 7.15
CA VAL A 629 15.01 9.63 7.68
C VAL A 629 14.75 9.88 9.17
N ARG A 630 13.51 9.67 9.56
CA ARG A 630 13.12 9.87 10.94
C ARG A 630 12.20 8.76 11.37
N VAL A 631 12.23 8.42 12.67
CA VAL A 631 11.15 7.65 13.26
C VAL A 631 10.12 8.64 13.75
N GLN A 632 8.86 8.24 13.73
CA GLN A 632 7.86 9.15 14.27
C GLN A 632 6.68 8.34 14.78
N GLN A 633 5.67 9.05 15.26
CA GLN A 633 4.53 8.46 15.94
C GLN A 633 3.80 7.38 15.12
N HIS A 634 3.42 6.34 15.86
CA HIS A 634 2.74 5.18 15.34
C HIS A 634 1.57 5.57 14.42
N ARG A 635 1.67 5.25 13.14
CA ARG A 635 0.59 5.44 12.17
C ARG A 635 0.21 6.90 11.94
N GLN A 636 1.19 7.78 12.06
CA GLN A 636 0.98 9.18 11.68
C GLN A 636 1.55 9.36 10.28
N GLU A 637 0.69 9.80 9.34
CA GLU A 637 1.14 10.04 7.98
C GLU A 637 1.91 11.36 7.82
N ILE A 638 1.46 12.41 8.49
CA ILE A 638 2.12 13.71 8.39
C ILE A 638 3.61 13.57 8.81
N ILE A 639 4.52 14.14 8.03
CA ILE A 639 5.95 14.01 8.32
C ILE A 639 6.31 15.09 9.36
N GLN A 640 6.53 14.65 10.59
CA GLN A 640 6.57 15.56 11.72
C GLN A 640 7.77 16.49 11.64
N ASP A 641 8.91 15.94 11.28
CA ASP A 641 10.16 16.68 11.34
C ASP A 641 10.58 17.20 9.97
N LEU A 642 9.63 17.29 9.04
CA LEU A 642 9.96 17.61 7.66
C LEU A 642 10.80 18.89 7.48
N ALA A 643 10.50 19.96 8.22
CA ALA A 643 11.26 21.20 8.02
C ALA A 643 12.76 20.94 8.18
N ALA A 644 13.15 20.18 9.21
CA ALA A 644 14.56 19.92 9.48
C ALA A 644 15.12 19.00 8.38
N MET A 645 14.34 18.04 7.92
CA MET A 645 14.77 17.20 6.80
C MET A 645 15.12 17.97 5.54
N VAL A 646 14.23 18.87 5.13
CA VAL A 646 14.39 19.62 3.86
C VAL A 646 15.56 20.59 3.99
N ARG A 647 15.64 21.22 5.14
CA ARG A 647 16.79 22.05 5.49
C ARG A 647 18.07 21.26 5.22
N GLU A 648 18.16 20.02 5.70
CA GLU A 648 19.37 19.25 5.52
C GLU A 648 19.63 19.06 4.04
N LEU A 649 18.60 18.67 3.33
CA LEU A 649 18.72 18.43 1.90
C LEU A 649 19.13 19.70 1.17
N LEU A 650 18.56 20.85 1.55
CA LEU A 650 18.92 22.08 0.86
C LEU A 650 20.39 22.46 1.09
N ILE A 651 20.89 22.23 2.30
CA ILE A 651 22.30 22.50 2.63
C ILE A 651 23.22 21.61 1.79
N GLN A 652 22.89 20.34 1.72
CA GLN A 652 23.68 19.42 0.95
C GLN A 652 23.57 19.71 -0.54
N PHE A 653 22.44 20.29 -0.98
CA PHE A 653 22.31 20.57 -2.41
C PHE A 653 23.26 21.70 -2.76
N TYR A 654 23.30 22.70 -1.90
CA TYR A 654 24.18 23.83 -2.13
C TYR A 654 25.65 23.38 -2.08
N LYS A 655 25.99 22.44 -1.22
CA LYS A 655 27.41 22.07 -1.12
C LYS A 655 27.87 21.29 -2.36
N SER A 656 26.98 20.43 -2.88
CA SER A 656 27.19 19.70 -4.13
C SER A 656 27.15 20.48 -5.40
N THR A 657 26.30 21.50 -5.48
CA THR A 657 26.04 22.19 -6.76
C THR A 657 26.50 23.62 -6.74
N ARG A 658 26.69 24.19 -5.54
CA ARG A 658 26.87 25.63 -5.38
C ARG A 658 25.72 26.49 -5.99
N PHE A 659 24.56 25.89 -6.19
CA PHE A 659 23.36 26.65 -6.48
C PHE A 659 22.41 26.56 -5.33
N LYS A 660 21.65 27.62 -5.18
CA LYS A 660 20.47 27.60 -4.37
C LYS A 660 19.31 27.34 -5.31
N PRO A 661 18.48 26.33 -4.99
CA PRO A 661 17.34 26.09 -5.89
C PRO A 661 16.39 27.28 -5.96
N THR A 662 15.93 27.59 -7.15
CA THR A 662 14.85 28.55 -7.37
C THR A 662 13.50 27.89 -7.29
N ARG A 663 13.44 26.58 -7.44
CA ARG A 663 12.17 25.87 -7.32
C ARG A 663 12.37 24.59 -6.57
N ILE A 664 11.36 24.19 -5.83
CA ILE A 664 11.38 22.88 -5.17
C ILE A 664 10.20 22.10 -5.65
N ILE A 665 10.45 20.87 -6.12
CA ILE A 665 9.41 19.95 -6.62
C ILE A 665 9.33 18.76 -5.68
N PHE A 666 8.18 18.65 -5.05
CA PHE A 666 7.99 17.78 -3.90
C PHE A 666 6.98 16.71 -4.26
N TYR A 667 7.49 15.51 -4.58
CA TYR A 667 6.64 14.35 -4.82
C TYR A 667 6.43 13.60 -3.52
N ARG A 668 5.19 13.69 -3.07
CA ARG A 668 4.77 13.17 -1.78
C ARG A 668 3.92 11.89 -1.92
N ASP A 669 4.54 10.74 -1.64
CA ASP A 669 3.90 9.45 -1.82
C ASP A 669 2.92 9.05 -0.73
N GLY A 670 1.82 8.47 -1.21
CA GLY A 670 0.92 7.71 -0.36
C GLY A 670 -0.14 8.43 0.41
N VAL A 671 -0.34 9.73 0.16
CA VAL A 671 -1.42 10.47 0.85
C VAL A 671 -2.76 10.31 0.12
N SER A 672 -3.75 9.81 0.85
CA SER A 672 -5.06 9.67 0.29
C SER A 672 -5.83 10.99 0.34
N GLU A 673 -6.85 11.08 -0.49
CA GLU A 673 -7.68 12.25 -0.63
C GLU A 673 -8.19 12.81 0.67
N GLY A 674 -8.57 11.90 1.54
CA GLY A 674 -9.14 12.31 2.80
C GLY A 674 -8.08 12.92 3.69
N GLN A 675 -6.84 13.04 3.21
CA GLN A 675 -5.76 13.58 4.00
C GLN A 675 -5.08 14.75 3.29
N PHE A 676 -5.48 15.10 2.06
CA PHE A 676 -4.76 16.16 1.30
C PHE A 676 -4.55 17.43 2.13
N GLN A 677 -5.58 17.92 2.79
CA GLN A 677 -5.52 19.25 3.33
C GLN A 677 -4.70 19.29 4.61
N GLN A 678 -4.86 18.28 5.47
CA GLN A 678 -4.05 18.13 6.66
C GLN A 678 -2.58 18.03 6.29
N VAL A 679 -2.26 17.08 5.41
CA VAL A 679 -0.87 16.83 5.06
C VAL A 679 -0.26 18.07 4.42
N LEU A 680 -0.94 18.66 3.46
CA LEU A 680 -0.43 19.87 2.83
C LEU A 680 -0.30 21.07 3.73
N HIS A 681 -1.24 21.29 4.62
CA HIS A 681 -1.09 22.42 5.55
C HIS A 681 0.23 22.31 6.36
N HIS A 682 0.51 21.15 6.93
CA HIS A 682 1.74 20.98 7.70
C HIS A 682 3.01 20.91 6.82
N GLU A 683 2.98 20.22 5.70
CA GLU A 683 4.24 19.91 5.01
C GLU A 683 4.66 21.03 4.09
N LEU A 684 3.69 21.67 3.46
CA LEU A 684 3.96 22.87 2.68
C LEU A 684 4.59 23.95 3.56
N LEU A 685 3.98 24.22 4.72
CA LEU A 685 4.56 25.21 5.65
C LEU A 685 5.96 24.81 6.15
N ALA A 686 6.20 23.52 6.40
CA ALA A 686 7.51 23.10 6.85
C ALA A 686 8.56 23.35 5.78
N ILE A 687 8.19 23.16 4.51
CA ILE A 687 9.13 23.38 3.41
C ILE A 687 9.52 24.84 3.38
N ARG A 688 8.52 25.70 3.56
CA ARG A 688 8.75 27.12 3.63
C ARG A 688 9.62 27.46 4.81
N GLU A 689 9.27 26.87 5.94
CA GLU A 689 10.00 27.11 7.19
C GLU A 689 11.48 26.82 6.99
N ALA A 690 11.75 25.72 6.30
CA ALA A 690 13.12 25.34 6.03
C ALA A 690 13.80 26.41 5.16
N CYS A 691 13.09 26.95 4.15
CA CYS A 691 13.69 27.95 3.30
C CYS A 691 13.92 29.20 4.10
N ILE A 692 12.88 29.63 4.78
CA ILE A 692 12.86 30.88 5.52
C ILE A 692 13.96 30.93 6.62
N LYS A 693 14.15 29.82 7.34
CA LYS A 693 15.15 29.80 8.38
C LYS A 693 16.57 29.63 7.85
N LEU A 694 16.76 29.19 6.63
CA LEU A 694 18.06 29.27 6.03
C LEU A 694 18.53 30.65 5.60
N GLU A 695 17.61 31.42 5.06
CA GLU A 695 17.95 32.68 4.48
C GLU A 695 16.77 33.59 4.29
N LYS A 696 16.97 34.87 4.53
CA LYS A 696 16.91 35.96 3.55
C LYS A 696 15.63 36.38 2.85
N ASP A 697 14.51 35.74 3.04
CA ASP A 697 13.50 35.75 1.98
C ASP A 697 14.10 34.89 0.83
N TYR A 698 14.60 33.73 1.20
CA TYR A 698 14.79 32.68 0.26
C TYR A 698 13.41 32.04 0.11
N GLN A 699 12.76 32.33 -1.02
CA GLN A 699 11.38 31.89 -1.26
C GLN A 699 11.28 31.21 -2.60
N PRO A 700 11.86 30.00 -2.74
CA PRO A 700 11.77 29.28 -4.01
C PRO A 700 10.35 28.77 -4.22
N GLY A 701 9.87 28.73 -5.46
CA GLY A 701 8.55 28.17 -5.70
C GLY A 701 8.40 26.67 -5.43
N ILE A 702 7.32 26.31 -4.76
CA ILE A 702 7.06 24.92 -4.42
C ILE A 702 5.90 24.37 -5.27
N THR A 703 6.16 23.18 -5.79
CA THR A 703 5.14 22.37 -6.40
C THR A 703 5.04 21.14 -5.51
N PHE A 704 3.86 20.97 -4.93
CA PHE A 704 3.54 19.88 -4.02
C PHE A 704 2.62 18.88 -4.78
N ILE A 705 3.17 17.68 -5.06
CA ILE A 705 2.50 16.64 -5.81
C ILE A 705 2.30 15.37 -5.00
N VAL A 706 1.05 14.93 -4.87
CA VAL A 706 0.78 13.64 -4.21
C VAL A 706 0.76 12.55 -5.26
N VAL A 707 1.56 11.50 -5.00
CA VAL A 707 1.69 10.32 -5.84
C VAL A 707 1.01 9.18 -5.14
N GLN A 708 0.01 8.64 -5.79
CA GLN A 708 -0.72 7.48 -5.31
C GLN A 708 -0.60 6.38 -6.33
N LYS A 709 0.05 5.33 -5.91
CA LYS A 709 0.19 4.11 -6.68
C LYS A 709 -0.94 3.17 -6.35
N ARG A 710 -1.46 3.30 -5.15
CA ARG A 710 -2.51 2.41 -4.64
C ARG A 710 -3.80 3.20 -4.54
N HIS A 711 -4.67 2.91 -5.47
CA HIS A 711 -6.00 3.47 -5.56
C HIS A 711 -6.71 2.42 -6.39
N HIS A 712 -7.96 2.66 -6.77
CA HIS A 712 -8.78 1.66 -7.42
C HIS A 712 -9.11 1.97 -8.89
N THR A 713 -8.36 2.89 -9.48
CA THR A 713 -8.48 3.16 -10.89
C THR A 713 -7.62 2.20 -11.72
N ARG A 714 -8.26 1.54 -12.68
CA ARG A 714 -7.57 0.65 -13.60
C ARG A 714 -7.89 1.05 -15.02
N LEU A 715 -6.87 1.08 -15.88
CA LEU A 715 -7.05 1.41 -17.29
C LEU A 715 -6.71 0.24 -18.16
N PHE A 716 -7.44 0.14 -19.27
CA PHE A 716 -7.40 -0.99 -20.16
C PHE A 716 -7.37 -0.48 -21.61
N CYS A 717 -6.74 -1.23 -22.51
CA CYS A 717 -6.67 -0.86 -23.90
C CYS A 717 -8.01 -1.18 -24.47
N THR A 718 -8.65 -0.21 -25.14
CA THR A 718 -9.91 -0.51 -25.83
C THR A 718 -9.64 -1.50 -26.91
N ASP A 719 -8.59 -1.27 -27.68
CA ASP A 719 -8.30 -2.12 -28.86
C ASP A 719 -7.34 -3.22 -28.49
N LYS A 720 -7.70 -4.45 -28.84
CA LYS A 720 -6.85 -5.59 -28.53
C LYS A 720 -5.42 -5.40 -29.03
N ASN A 721 -5.23 -4.81 -30.19
CA ASN A 721 -3.91 -4.66 -30.75
C ASN A 721 -2.99 -3.60 -30.07
N GLU A 722 -3.51 -2.83 -29.10
CA GLU A 722 -2.65 -1.98 -28.23
C GLU A 722 -2.10 -2.71 -27.00
N ARG A 723 -2.68 -3.87 -26.67
CA ARG A 723 -2.28 -4.66 -25.51
C ARG A 723 -0.81 -5.09 -25.58
N VAL A 724 -0.04 -4.84 -24.54
CA VAL A 724 1.39 -5.15 -24.58
C VAL A 724 1.71 -6.43 -23.82
N GLY A 725 2.26 -7.42 -24.51
CA GLY A 725 2.83 -8.60 -23.87
C GLY A 725 1.83 -9.59 -23.34
N LYS A 726 2.32 -10.58 -22.59
CA LYS A 726 1.45 -11.63 -22.05
C LYS A 726 0.36 -11.04 -21.15
N SER A 727 0.69 -9.99 -20.38
CA SER A 727 -0.26 -9.41 -19.42
C SER A 727 -1.31 -8.50 -20.06
N GLY A 728 -1.06 -8.07 -21.30
CA GLY A 728 -2.06 -7.35 -22.08
C GLY A 728 -2.35 -5.92 -21.60
N ASN A 729 -1.36 -5.29 -21.00
CA ASN A 729 -1.51 -3.94 -20.42
C ASN A 729 -1.31 -2.76 -21.40
N ILE A 730 -1.84 -1.62 -20.98
CA ILE A 730 -1.56 -0.34 -21.61
C ILE A 730 -0.06 -0.09 -21.67
N PRO A 731 0.39 0.60 -22.72
CA PRO A 731 1.83 0.79 -22.85
C PRO A 731 2.38 1.80 -21.85
N ALA A 732 3.68 1.72 -21.62
CA ALA A 732 4.38 2.67 -20.78
C ALA A 732 4.18 4.05 -21.37
N GLY A 733 3.89 5.01 -20.49
CA GLY A 733 3.71 6.39 -20.91
C GLY A 733 2.26 6.79 -21.07
N THR A 734 1.34 5.85 -20.97
CA THR A 734 -0.05 6.16 -21.11
C THR A 734 -0.43 7.19 -20.01
N THR A 735 -0.85 8.37 -20.46
CA THR A 735 -1.32 9.45 -19.64
C THR A 735 -2.82 9.79 -19.80
N VAL A 736 -3.52 9.99 -18.69
CA VAL A 736 -4.94 10.40 -18.72
C VAL A 736 -5.14 11.63 -17.84
N ASP A 737 -5.52 12.76 -18.46
CA ASP A 737 -5.89 13.91 -17.68
C ASP A 737 -7.22 14.52 -18.09
N THR A 738 -8.10 13.74 -18.66
CA THR A 738 -9.42 14.18 -19.03
C THR A 738 -10.42 13.15 -18.58
N LYS A 739 -11.66 13.56 -18.52
CA LYS A 739 -12.84 12.71 -18.35
C LYS A 739 -13.04 12.05 -16.99
N ILE A 740 -12.11 11.24 -16.55
CA ILE A 740 -12.19 10.60 -15.28
C ILE A 740 -11.45 11.29 -14.15
N THR A 741 -10.78 12.38 -14.42
CA THR A 741 -9.97 13.05 -13.42
C THR A 741 -10.79 14.10 -12.68
N HIS A 742 -10.13 14.92 -11.85
CA HIS A 742 -10.86 15.90 -11.02
C HIS A 742 -11.53 17.03 -11.85
N PRO A 743 -12.76 17.46 -11.45
CA PRO A 743 -13.53 18.48 -12.19
C PRO A 743 -12.91 19.89 -12.20
N THR A 744 -12.13 20.26 -11.19
CA THR A 744 -11.51 21.58 -11.19
C THR A 744 -10.00 21.60 -10.98
N GLU A 745 -9.46 20.60 -10.28
CA GLU A 745 -8.07 20.62 -9.89
C GLU A 745 -7.14 19.95 -10.91
N PHE A 746 -5.86 19.99 -10.58
CA PHE A 746 -4.77 19.63 -11.45
C PHE A 746 -4.25 18.22 -11.10
N ASP A 747 -4.83 17.21 -11.78
CA ASP A 747 -4.43 15.82 -11.54
C ASP A 747 -4.38 14.98 -12.81
N PHE A 748 -3.56 13.94 -12.77
CA PHE A 748 -3.44 13.05 -13.89
C PHE A 748 -2.95 11.67 -13.52
N TYR A 749 -3.46 10.69 -14.27
CA TYR A 749 -2.87 9.35 -14.26
C TYR A 749 -1.68 9.28 -15.22
N LEU A 750 -0.55 8.77 -14.76
CA LEU A 750 0.55 8.37 -15.66
C LEU A 750 1.03 6.96 -15.30
N CYS A 751 0.82 6.05 -16.27
CA CYS A 751 1.31 4.66 -16.16
C CYS A 751 2.67 4.64 -16.84
N SER A 752 3.72 4.83 -16.01
CA SER A 752 5.05 5.11 -16.50
C SER A 752 5.81 3.86 -16.89
N HIS A 753 5.29 2.68 -16.56
CA HIS A 753 6.10 1.46 -16.61
C HIS A 753 5.55 0.44 -17.52
N ALA A 754 6.40 -0.50 -17.96
CA ALA A 754 5.91 -1.70 -18.62
C ALA A 754 5.24 -2.64 -17.63
N GLY A 755 4.06 -3.13 -18.00
CA GLY A 755 3.37 -4.14 -17.23
C GLY A 755 3.89 -5.51 -17.60
N ILE A 756 4.52 -6.15 -16.62
CA ILE A 756 4.99 -7.51 -16.76
C ILE A 756 3.90 -8.55 -16.49
N GLN A 757 3.13 -8.35 -15.43
CA GLN A 757 2.20 -9.38 -14.96
C GLN A 757 0.99 -8.69 -14.38
N GLY A 758 -0.14 -9.39 -14.41
CA GLY A 758 -1.34 -8.84 -13.84
C GLY A 758 -1.84 -7.58 -14.54
N THR A 759 -2.53 -6.75 -13.79
CA THR A 759 -3.01 -5.46 -14.25
C THR A 759 -2.21 -4.35 -13.60
N SER A 760 -1.64 -3.52 -14.45
CA SER A 760 -0.84 -2.41 -14.04
C SER A 760 -1.63 -1.38 -13.23
N ARG A 761 -0.98 -0.87 -12.20
CA ARG A 761 -1.47 0.24 -11.42
C ARG A 761 -1.04 1.53 -12.08
N PRO A 762 -2.00 2.31 -12.61
CA PRO A 762 -1.60 3.59 -13.20
C PRO A 762 -1.34 4.59 -12.10
N SER A 763 -0.09 5.00 -11.86
CA SER A 763 0.15 5.92 -10.75
C SER A 763 -0.64 7.22 -10.94
N HIS A 764 -1.15 7.77 -9.85
CA HIS A 764 -1.92 9.01 -9.89
C HIS A 764 -1.14 10.16 -9.27
N TYR A 765 -1.30 11.33 -9.89
CA TYR A 765 -0.60 12.51 -9.49
C TYR A 765 -1.58 13.63 -9.31
N HIS A 766 -1.51 14.25 -8.13
CA HIS A 766 -2.44 15.33 -7.76
C HIS A 766 -1.64 16.51 -7.19
N VAL A 767 -1.74 17.66 -7.88
CA VAL A 767 -0.98 18.85 -7.50
C VAL A 767 -1.75 19.62 -6.44
N LEU A 768 -1.23 19.62 -5.20
CA LEU A 768 -1.96 20.30 -4.13
C LEU A 768 -1.50 21.73 -4.09
N TRP A 769 -0.37 22.03 -4.74
CA TRP A 769 0.21 23.35 -4.66
C TRP A 769 1.25 23.55 -5.75
N ASP A 770 1.28 24.75 -6.34
CA ASP A 770 2.20 24.98 -7.44
C ASP A 770 2.52 26.44 -7.65
N ASP A 771 3.56 26.92 -6.97
CA ASP A 771 4.03 28.28 -7.17
C ASP A 771 4.59 28.48 -8.55
N ASN A 772 4.95 27.36 -9.20
CA ASN A 772 5.70 27.40 -10.43
C ASN A 772 4.87 27.41 -11.70
N ARG A 773 3.56 27.29 -11.57
CA ARG A 773 2.64 27.35 -12.67
C ARG A 773 3.00 26.47 -13.85
N PHE A 774 3.28 25.22 -13.59
CA PHE A 774 3.42 24.25 -14.61
C PHE A 774 2.17 24.21 -15.46
N SER A 775 2.39 24.06 -16.76
CA SER A 775 1.40 23.49 -17.64
C SER A 775 1.33 21.97 -17.44
N SER A 776 0.20 21.40 -17.84
CA SER A 776 -0.01 19.97 -17.79
C SER A 776 1.10 19.26 -18.57
N ASP A 777 1.39 19.72 -19.77
CA ASP A 777 2.41 19.06 -20.57
C ASP A 777 3.75 19.00 -19.83
N GLU A 778 4.23 20.14 -19.29
CA GLU A 778 5.55 20.15 -18.74
C GLU A 778 5.65 19.26 -17.47
N LEU A 779 4.62 19.33 -16.62
CA LEU A 779 4.63 18.53 -15.44
C LEU A 779 4.48 17.03 -15.68
N GLN A 780 3.67 16.66 -16.66
CA GLN A 780 3.49 15.26 -17.02
C GLN A 780 4.77 14.71 -17.65
N ILE A 781 5.36 15.49 -18.54
CA ILE A 781 6.61 15.07 -19.17
C ILE A 781 7.73 15.01 -18.14
N LEU A 782 7.78 16.00 -17.25
CA LEU A 782 8.79 15.99 -16.18
C LEU A 782 8.65 14.74 -15.32
N THR A 783 7.41 14.44 -14.96
CA THR A 783 7.14 13.35 -14.07
C THR A 783 7.62 12.07 -14.78
N TYR A 784 7.26 11.93 -16.06
CA TYR A 784 7.56 10.74 -16.79
C TYR A 784 9.04 10.60 -16.91
N GLN A 785 9.70 11.70 -17.27
CA GLN A 785 11.13 11.67 -17.40
C GLN A 785 11.83 11.28 -16.05
N LEU A 786 11.26 11.65 -14.93
CA LEU A 786 11.90 11.32 -13.66
C LEU A 786 11.79 9.83 -13.36
N CYS A 787 10.88 9.16 -14.07
CA CYS A 787 10.71 7.73 -13.88
C CYS A 787 11.76 6.94 -14.65
N HIS A 788 12.56 7.63 -15.46
CA HIS A 788 13.62 7.00 -16.22
C HIS A 788 14.97 7.34 -15.59
N THR A 789 14.99 7.89 -14.37
CA THR A 789 16.26 8.29 -13.73
C THR A 789 16.62 7.34 -12.58
N TYR A 790 15.88 6.26 -12.45
CA TYR A 790 16.02 5.35 -11.34
C TYR A 790 17.12 4.36 -11.61
N VAL A 791 18.13 4.40 -10.74
CA VAL A 791 19.44 3.82 -11.06
C VAL A 791 19.54 2.30 -10.95
N ARG A 792 18.60 1.63 -10.29
CA ARG A 792 18.76 0.19 -10.08
C ARG A 792 18.32 -0.69 -11.24
N CYS A 793 17.91 -0.07 -12.35
CA CYS A 793 17.43 -0.80 -13.55
C CYS A 793 17.32 0.14 -14.74
N THR A 794 17.51 -0.44 -15.91
CA THR A 794 17.40 0.28 -17.18
C THR A 794 15.94 0.12 -17.64
N ARG A 795 15.04 0.61 -16.80
CA ARG A 795 13.61 0.55 -17.00
C ARG A 795 12.98 1.83 -16.47
N SER A 796 11.84 2.16 -17.04
CA SER A 796 11.04 3.25 -16.56
C SER A 796 10.24 2.64 -15.46
N VAL A 797 10.35 3.17 -14.25
CA VAL A 797 9.66 2.56 -13.12
C VAL A 797 8.33 3.28 -12.87
N SER A 798 7.53 2.72 -11.96
CA SER A 798 6.13 3.10 -11.81
C SER A 798 5.83 4.43 -11.07
N ILE A 799 6.81 4.96 -10.33
CA ILE A 799 6.70 6.25 -9.64
C ILE A 799 8.02 6.97 -9.92
N PRO A 800 8.08 8.28 -9.74
CA PRO A 800 9.38 8.89 -10.06
C PRO A 800 10.49 8.46 -9.07
N ALA A 801 11.72 8.55 -9.56
CA ALA A 801 12.87 8.01 -8.87
C ALA A 801 12.99 8.56 -7.43
N PRO A 802 12.75 9.86 -7.22
CA PRO A 802 12.86 10.41 -5.84
C PRO A 802 11.86 9.76 -4.90
N ALA A 803 10.63 9.52 -5.36
CA ALA A 803 9.64 8.85 -4.50
C ALA A 803 10.02 7.40 -4.27
N TYR A 804 10.48 6.72 -5.33
CA TYR A 804 11.01 5.35 -5.17
C TYR A 804 12.16 5.26 -4.12
N TYR A 805 13.16 6.12 -4.22
CA TYR A 805 14.26 6.13 -3.27
C TYR A 805 13.75 6.31 -1.83
N ALA A 806 12.73 7.15 -1.65
CA ALA A 806 12.23 7.44 -0.35
C ALA A 806 11.72 6.15 0.31
N HIS A 807 11.00 5.35 -0.48
CA HIS A 807 10.66 3.99 0.00
C HIS A 807 11.88 3.20 0.43
N LEU A 808 12.92 3.22 -0.39
CA LEU A 808 14.07 2.37 -0.12
C LEU A 808 14.74 2.78 1.19
N VAL A 809 14.77 4.09 1.39
CA VAL A 809 15.23 4.71 2.63
C VAL A 809 14.38 4.30 3.83
N ALA A 810 13.07 4.39 3.71
CA ALA A 810 12.20 3.97 4.80
C ALA A 810 12.37 2.48 5.11
N PHE A 811 12.48 1.63 4.09
CA PHE A 811 12.57 0.19 4.34
C PHE A 811 13.91 -0.19 4.97
N ARG A 812 14.97 0.56 4.62
CA ARG A 812 16.28 0.33 5.21
C ARG A 812 16.28 0.71 6.70
N ALA A 813 15.69 1.86 7.05
CA ALA A 813 15.51 2.22 8.46
C ALA A 813 14.80 1.10 9.22
N ARG A 814 13.83 0.52 8.54
CA ARG A 814 13.01 -0.52 9.16
C ARG A 814 13.91 -1.72 9.45
N TYR A 815 14.88 -1.96 8.53
CA TYR A 815 15.82 -3.05 8.68
C TYR A 815 16.77 -2.72 9.87
N HIS A 816 17.12 -1.45 10.01
CA HIS A 816 17.96 -1.02 11.13
C HIS A 816 17.26 -1.16 12.50
N LEU A 817 15.93 -1.28 12.50
CA LEU A 817 15.12 -1.34 13.71
C LEU A 817 14.63 -2.73 14.04
N VAL A 818 15.11 -3.71 13.31
CA VAL A 818 14.59 -5.07 13.47
C VAL A 818 14.91 -5.57 14.88
N ASP A 819 13.82 -5.92 15.55
CA ASP A 819 13.80 -6.38 16.92
C ASP A 819 14.21 -5.32 17.93
N LYS A 820 14.40 -4.07 17.48
CA LYS A 820 14.59 -2.96 18.41
C LYS A 820 13.32 -2.13 18.64
N GLU A 821 12.23 -2.48 17.98
CA GLU A 821 10.96 -1.77 18.08
C GLU A 821 9.91 -2.68 18.72
N GLY A 836 9.97 9.00 24.07
CA GLY A 836 10.78 10.09 24.59
C GLY A 836 12.21 9.66 24.81
N ARG A 837 12.34 8.61 25.61
CA ARG A 837 13.58 7.88 25.79
C ARG A 837 13.53 6.70 24.85
N ASP A 838 12.31 6.17 24.66
CA ASP A 838 12.01 5.19 23.60
C ASP A 838 12.38 5.81 22.28
N HIS A 839 11.78 6.98 22.03
CA HIS A 839 11.99 7.73 20.82
C HIS A 839 13.45 7.96 20.49
N GLN A 840 14.22 8.32 21.52
CA GLN A 840 15.62 8.61 21.32
C GLN A 840 16.36 7.37 20.85
N ALA A 841 16.10 6.23 21.49
CA ALA A 841 16.76 4.97 21.13
C ALA A 841 16.43 4.62 19.68
N LEU A 842 15.18 4.76 19.30
CA LEU A 842 14.85 4.37 17.94
C LEU A 842 15.44 5.36 16.94
N ALA A 843 15.42 6.64 17.29
CA ALA A 843 16.00 7.68 16.44
C ALA A 843 17.47 7.36 16.16
N LYS A 844 18.13 6.88 17.19
CA LYS A 844 19.56 6.62 17.11
C LYS A 844 19.83 5.42 16.20
N ALA A 845 19.01 4.38 16.30
CA ALA A 845 19.18 3.23 15.43
C ALA A 845 19.00 3.53 13.95
N VAL A 846 18.18 4.50 13.57
CA VAL A 846 17.96 4.77 12.12
C VAL A 846 18.95 5.85 11.56
N GLN A 847 19.83 6.32 12.45
CA GLN A 847 20.80 7.36 12.09
C GLN A 847 22.07 6.78 11.46
N VAL A 848 22.30 7.10 10.19
CA VAL A 848 23.49 6.62 9.49
C VAL A 848 24.75 7.33 10.00
N HIS A 849 25.90 6.69 9.80
CA HIS A 849 27.20 7.24 10.17
C HIS A 849 27.43 8.49 9.36
N GLN A 850 28.30 9.33 9.88
CA GLN A 850 28.65 10.59 9.26
C GLN A 850 29.07 10.38 7.79
N ASP A 851 29.88 9.35 7.52
CA ASP A 851 30.41 9.09 6.18
C ASP A 851 29.37 8.47 5.25
N THR A 852 28.26 8.03 5.81
CA THR A 852 27.16 7.48 5.03
C THR A 852 26.14 8.55 4.59
N LEU A 853 26.07 9.66 5.33
CA LEU A 853 25.09 10.73 5.12
C LEU A 853 24.89 11.21 3.69
N ARG A 854 26.01 11.31 2.97
CA ARG A 854 26.03 11.89 1.62
C ARG A 854 25.93 10.84 0.53
N THR A 855 25.68 9.59 0.94
CA THR A 855 25.71 8.47 0.02
C THR A 855 24.34 7.98 -0.36
N MET A 856 24.29 7.15 -1.40
CA MET A 856 23.08 6.41 -1.77
C MET A 856 23.18 4.99 -1.27
N TYR A 857 23.46 4.90 0.04
CA TYR A 857 23.55 3.64 0.78
C TYR A 857 22.31 2.78 0.69
N PHE A 858 21.19 3.42 0.37
CA PHE A 858 19.88 2.75 0.26
C PHE A 858 19.67 2.03 -1.07
N ALA A 859 20.56 2.23 -2.02
CA ALA A 859 20.36 1.65 -3.38
C ALA A 859 20.52 0.16 -3.41
MG MG D . 3.89 5.46 2.37
C1 IPA E . 18.40 22.00 -21.76
C2 IPA E . 17.07 21.75 -21.04
C3 IPA E . 16.73 22.85 -20.04
O2 IPA E . 16.02 21.67 -21.99
C1 IPH F . 7.77 30.00 -0.23
C2 IPH F . 9.00 29.55 0.19
C3 IPH F . 9.55 30.07 1.37
C4 IPH F . 8.83 31.03 2.09
C5 IPH F . 7.59 31.48 1.64
C6 IPH F . 7.07 30.97 0.48
O1 IPH F . 7.23 29.50 -1.37
C1 IPH G . 21.30 27.75 1.46
C2 IPH G . 21.38 26.54 0.83
C3 IPH G . 20.43 26.24 -0.14
C4 IPH G . 19.43 27.15 -0.45
C5 IPH G . 19.38 28.36 0.19
C6 IPH G . 20.32 28.67 1.15
O1 IPH G . 22.22 28.07 2.41
C1 IPH H . 19.40 22.54 -12.52
C2 IPH H . 20.34 23.53 -12.80
C3 IPH H . 21.37 23.75 -11.89
C4 IPH H . 21.44 23.00 -10.72
C5 IPH H . 20.51 22.02 -10.47
C6 IPH H . 19.48 21.78 -11.37
O1 IPH H . 18.41 22.31 -13.42
C1 IPH I . 27.57 3.29 1.16
C2 IPH I . 28.65 4.16 1.20
C3 IPH I . 29.18 4.54 2.41
C4 IPH I . 28.64 4.07 3.58
C5 IPH I . 27.55 3.19 3.56
C6 IPH I . 27.01 2.79 2.34
O1 IPH I . 27.07 2.92 -0.07
P PO4 J . -25.13 -15.50 29.35
O1 PO4 J . -26.22 -16.52 29.56
O2 PO4 J . -25.65 -14.09 29.63
O3 PO4 J . -24.69 -15.56 27.91
O4 PO4 J . -23.99 -15.84 30.29
MG MG K . -9.58 6.00 11.38
P PO4 L . -23.97 -8.59 27.27
O1 PO4 L . -25.27 -9.05 27.88
O2 PO4 L . -24.21 -7.42 26.35
O3 PO4 L . -23.37 -9.72 26.48
O4 PO4 L . -23.02 -8.20 28.38
MG MG M . 10.08 -10.72 -3.73
#